data_4OE6
#
_entry.id   4OE6
#
_cell.length_a   109.032
_cell.length_b   109.032
_cell.length_c   181.246
_cell.angle_alpha   90.000
_cell.angle_beta   90.000
_cell.angle_gamma   120.000
#
_symmetry.space_group_name_H-M   'P 63'
#
loop_
_entity.id
_entity.type
_entity.pdbx_description
1 polymer 'Delta-1-pyrroline-5-carboxylate dehydrogenase, mitochondrial'
2 water water
#
_entity_poly.entity_id   1
_entity_poly.type   'polypeptide(L)'
_entity_poly.pdbx_seq_one_letter_code
;MDHHHHHHHHASENLYFQGHMKPPKHIRNEPVKPFRNIDLKDWDLLRASLMKFKSSSLEVPLVINGERIYDNNERALFPQ
TNPANHQQVLANVTQATEKDVMNAVKAAKDAKKDWYNLPFYDRSAIFLKAADLISTKYRYDMLAATMLGQGKNVYQAEID
CITELSDFFRYYVKYASDLYAQQPVESADGTWNKAEYRPLEGFVYAVSPFNFTAIAANLIGAPALMGNTVVWKPSQTAAL
SNYLLMTVLEEAGLPKGVINFIPGDPVQVTDQVLADKDFGALHFTGSTNVFKSLYGKIQSGVVEGKYRDYPRIIGETGGK
NFHLVHPSANISHAVLSTIRGTFEFQGQKCSAASRLYLPESKSEEFLSDMFGILQSQNVVPMNTSASPISGGNLRGFMGP
VIHEQSFDKLVKVIEDAKKDPELEILYGGQYDKSQGWFVGPTVIKAKRPDHPYMSTEFFGPILTVYEYPDTEFNEICDII
DNTSQYALTGAIFAKDRKAIEYADEKLKFSAGNFYINDKCTGAVVSQQWFGGARMSGTDDKAGGPNILSRFVSIRNTKEN
FYELTDFKYPSNYEELGSGC
;
_entity_poly.pdbx_strand_id   A,B
#
# COMPACT_ATOMS: atom_id res chain seq x y z
N ASP A 42 25.26 38.94 3.00
CA ASP A 42 24.37 37.84 3.37
C ASP A 42 23.55 38.21 4.60
N TRP A 43 24.24 38.58 5.67
CA TRP A 43 23.56 38.91 6.92
C TRP A 43 22.70 40.17 6.78
N ASP A 44 23.16 41.10 5.95
CA ASP A 44 22.40 42.31 5.70
C ASP A 44 21.12 42.01 4.94
N LEU A 45 21.20 41.08 4.00
CA LEU A 45 20.04 40.67 3.22
C LEU A 45 19.03 39.90 4.09
N LEU A 46 19.54 39.05 4.96
CA LEU A 46 18.66 38.31 5.86
C LEU A 46 18.02 39.27 6.86
N ARG A 47 18.82 40.19 7.41
CA ARG A 47 18.30 41.21 8.34
C ARG A 47 17.15 41.99 7.70
N ALA A 48 17.31 42.34 6.42
CA ALA A 48 16.25 43.05 5.70
C ALA A 48 14.97 42.25 5.56
N SER A 49 15.07 40.98 5.20
CA SER A 49 13.88 40.14 5.09
C SER A 49 13.18 39.97 6.46
N LEU A 50 13.96 39.79 7.51
CA LEU A 50 13.41 39.68 8.87
C LEU A 50 12.68 40.96 9.27
N MET A 51 13.28 42.10 8.97
CA MET A 51 12.72 43.38 9.38
C MET A 51 11.47 43.68 8.57
N LYS A 52 11.41 43.08 7.39
CA LYS A 52 10.26 43.24 6.53
C LYS A 52 9.04 42.52 7.13
N PHE A 53 9.19 41.23 7.40
CA PHE A 53 8.11 40.43 7.98
C PHE A 53 7.81 40.82 9.42
N LYS A 54 8.76 41.47 10.08
CA LYS A 54 8.55 41.89 11.46
C LYS A 54 7.72 43.15 11.52
N SER A 55 7.97 44.06 10.58
CA SER A 55 7.34 45.39 10.56
C SER A 55 5.81 45.40 10.65
N SER A 56 5.18 44.50 9.91
CA SER A 56 3.73 44.46 9.78
C SER A 56 3.28 43.01 9.58
N SER A 57 1.98 42.80 9.34
CA SER A 57 1.46 41.44 9.20
C SER A 57 1.04 41.18 7.77
N LEU A 58 1.45 40.05 7.21
CA LEU A 58 1.09 39.69 5.86
C LEU A 58 -0.30 39.06 5.83
N GLU A 59 -1.16 39.53 4.93
CA GLU A 59 -2.41 38.83 4.66
C GLU A 59 -2.14 37.60 3.81
N VAL A 60 -2.36 36.41 4.37
CA VAL A 60 -2.14 35.18 3.62
C VAL A 60 -3.49 34.67 3.11
N PRO A 61 -3.68 34.66 1.78
CA PRO A 61 -4.95 34.24 1.18
C PRO A 61 -5.00 32.74 0.92
N LEU A 62 -6.17 32.22 0.60
CA LEU A 62 -6.25 30.90 -0.01
C LEU A 62 -5.74 31.05 -1.42
N VAL A 63 -5.26 29.96 -2.01
CA VAL A 63 -4.98 29.98 -3.44
C VAL A 63 -5.73 28.83 -4.08
N ILE A 64 -6.77 29.16 -4.86
CA ILE A 64 -7.66 28.16 -5.43
C ILE A 64 -7.81 28.44 -6.93
N ASN A 65 -7.47 27.44 -7.74
CA ASN A 65 -7.43 27.62 -9.19
C ASN A 65 -6.59 28.84 -9.60
N GLY A 66 -5.44 29.02 -8.96
CA GLY A 66 -4.57 30.15 -9.26
C GLY A 66 -5.03 31.52 -8.79
N GLU A 67 -6.19 31.58 -8.13
CA GLU A 67 -6.71 32.86 -7.64
C GLU A 67 -6.48 33.01 -6.14
N ARG A 68 -6.02 34.19 -5.73
CA ARG A 68 -5.83 34.50 -4.32
C ARG A 68 -7.15 34.90 -3.69
N ILE A 69 -7.57 34.17 -2.66
CA ILE A 69 -8.84 34.48 -2.01
C ILE A 69 -8.64 35.00 -0.60
N TYR A 70 -9.04 36.24 -0.37
CA TYR A 70 -8.85 36.85 0.94
C TYR A 70 -10.12 36.72 1.81
N ASP A 71 -10.05 37.14 3.07
CA ASP A 71 -11.16 36.91 3.99
C ASP A 71 -12.45 37.62 3.56
N ASN A 72 -12.29 38.76 2.91
CA ASN A 72 -13.42 39.45 2.26
C ASN A 72 -14.61 39.70 3.21
N ASN A 73 -14.31 39.84 4.50
CA ASN A 73 -15.32 40.02 5.55
C ASN A 73 -16.35 38.89 5.68
N GLU A 74 -15.97 37.70 5.22
CA GLU A 74 -16.84 36.54 5.27
C GLU A 74 -16.17 35.40 6.01
N ARG A 75 -14.86 35.27 5.77
CA ARG A 75 -14.13 34.11 6.28
C ARG A 75 -13.44 34.39 7.62
N ALA A 76 -13.21 33.35 8.41
CA ALA A 76 -12.43 33.48 9.63
C ALA A 76 -10.95 33.74 9.28
N LEU A 77 -10.18 34.15 10.30
CA LEU A 77 -8.74 34.37 10.17
C LEU A 77 -8.02 33.66 11.29
N PHE A 78 -6.82 33.16 11.00
CA PHE A 78 -5.92 32.64 12.03
C PHE A 78 -4.71 33.58 12.10
N PRO A 79 -4.45 34.17 13.28
CA PRO A 79 -3.26 35.00 13.42
C PRO A 79 -2.05 34.10 13.69
N GLN A 80 -1.15 34.02 12.71
CA GLN A 80 0.06 33.26 12.92
C GLN A 80 1.06 34.17 13.60
N THR A 81 1.48 33.80 14.81
CA THR A 81 2.37 34.64 15.59
C THR A 81 3.77 34.00 15.64
N ASN A 82 4.74 34.79 16.08
CA ASN A 82 6.14 34.36 16.22
C ASN A 82 6.26 33.57 17.52
N PRO A 83 6.61 32.27 17.43
CA PRO A 83 6.66 31.49 18.67
C PRO A 83 7.74 31.98 19.64
N ALA A 84 8.73 32.71 19.16
CA ALA A 84 9.75 33.30 20.04
C ALA A 84 9.30 34.64 20.63
N ASN A 85 8.22 35.20 20.10
CA ASN A 85 7.75 36.54 20.48
C ASN A 85 6.29 36.62 20.11
N HIS A 86 5.44 35.98 20.91
CA HIS A 86 4.10 35.65 20.47
C HIS A 86 3.15 36.84 20.38
N GLN A 87 3.60 38.01 20.85
CA GLN A 87 2.82 39.24 20.67
C GLN A 87 2.88 39.70 19.20
N GLN A 88 3.91 39.27 18.50
CA GLN A 88 4.13 39.70 17.12
C GLN A 88 3.34 38.85 16.13
N VAL A 89 2.35 39.47 15.48
CA VAL A 89 1.54 38.76 14.50
C VAL A 89 2.21 38.81 13.12
N LEU A 90 2.64 37.64 12.63
CA LEU A 90 3.37 37.58 11.35
C LEU A 90 2.43 37.59 10.16
N ALA A 91 1.30 36.92 10.29
CA ALA A 91 0.35 36.81 9.19
C ALA A 91 -1.06 36.65 9.71
N ASN A 92 -2.02 37.14 8.93
CA ASN A 92 -3.42 36.90 9.19
C ASN A 92 -3.86 35.96 8.08
N VAL A 93 -4.15 34.72 8.46
CA VAL A 93 -4.32 33.63 7.48
C VAL A 93 -5.80 33.39 7.21
N THR A 94 -6.21 33.59 5.97
CA THR A 94 -7.60 33.35 5.56
C THR A 94 -7.94 31.88 5.79
N GLN A 95 -9.17 31.60 6.20
CA GLN A 95 -9.59 30.25 6.53
C GLN A 95 -10.68 29.76 5.58
N ALA A 96 -10.45 28.62 4.94
CA ALA A 96 -11.33 28.13 3.89
C ALA A 96 -12.71 27.77 4.41
N THR A 97 -13.75 28.18 3.69
CA THR A 97 -15.11 27.77 4.02
C THR A 97 -15.40 26.43 3.35
N GLU A 98 -16.52 25.83 3.71
CA GLU A 98 -16.96 24.60 3.05
C GLU A 98 -17.01 24.81 1.53
N LYS A 99 -17.52 25.94 1.09
CA LYS A 99 -17.62 26.20 -0.34
C LYS A 99 -16.25 26.38 -1.00
N ASP A 100 -15.33 27.06 -0.32
CA ASP A 100 -13.95 27.16 -0.81
C ASP A 100 -13.34 25.77 -0.99
N VAL A 101 -13.60 24.88 -0.04
CA VAL A 101 -13.01 23.54 -0.14
C VAL A 101 -13.55 22.81 -1.37
N MET A 102 -14.87 22.88 -1.56
CA MET A 102 -15.50 22.31 -2.74
C MET A 102 -14.89 22.86 -4.03
N ASN A 103 -14.66 24.18 -4.08
CA ASN A 103 -14.03 24.82 -5.25
C ASN A 103 -12.57 24.38 -5.46
N ALA A 104 -11.83 24.17 -4.38
CA ALA A 104 -10.48 23.62 -4.46
C ALA A 104 -10.48 22.22 -5.07
N VAL A 105 -11.39 21.37 -4.56
CA VAL A 105 -11.52 20.02 -5.09
C VAL A 105 -11.92 20.07 -6.58
N LYS A 106 -12.85 20.96 -6.93
CA LYS A 106 -13.25 21.12 -8.33
C LYS A 106 -12.10 21.61 -9.19
N ALA A 107 -11.32 22.55 -8.66
CA ALA A 107 -10.14 23.06 -9.39
C ALA A 107 -9.15 21.94 -9.70
N ALA A 108 -8.88 21.09 -8.71
CA ALA A 108 -7.96 19.97 -8.91
C ALA A 108 -8.48 19.02 -10.00
N LYS A 109 -9.78 18.74 -9.97
CA LYS A 109 -10.40 17.88 -10.96
C LYS A 109 -10.30 18.50 -12.37
N ASP A 110 -10.57 19.80 -12.47
CA ASP A 110 -10.56 20.49 -13.77
C ASP A 110 -9.16 20.67 -14.37
N ALA A 111 -8.13 20.71 -13.53
CA ALA A 111 -6.76 20.90 -14.00
C ALA A 111 -6.10 19.57 -14.38
N LYS A 112 -6.72 18.48 -13.96
CA LYS A 112 -6.09 17.16 -14.00
C LYS A 112 -5.61 16.71 -15.37
N LYS A 113 -6.49 16.71 -16.36
CA LYS A 113 -6.11 16.20 -17.69
C LYS A 113 -4.99 17.01 -18.35
N ASP A 114 -5.09 18.34 -18.30
CA ASP A 114 -4.05 19.18 -18.88
C ASP A 114 -2.74 19.04 -18.12
N TRP A 115 -2.82 18.70 -16.84
CA TRP A 115 -1.61 18.50 -16.04
C TRP A 115 -0.94 17.17 -16.38
N TYR A 116 -1.67 16.07 -16.32
CA TYR A 116 -1.01 14.80 -16.60
C TYR A 116 -0.60 14.66 -18.08
N ASN A 117 -1.24 15.42 -18.96
CA ASN A 117 -0.81 15.45 -20.37
C ASN A 117 0.33 16.43 -20.64
N LEU A 118 0.65 17.28 -19.67
CA LEU A 118 1.82 18.13 -19.81
C LEU A 118 3.03 17.22 -19.69
N PRO A 119 3.97 17.30 -20.64
CA PRO A 119 5.06 16.33 -20.66
C PRO A 119 5.89 16.37 -19.37
N PHE A 120 6.39 15.21 -18.96
CA PHE A 120 7.18 15.11 -17.73
C PHE A 120 8.35 16.10 -17.72
N TYR A 121 8.95 16.35 -18.87
CA TYR A 121 10.04 17.31 -18.95
C TYR A 121 9.59 18.67 -18.40
N ASP A 122 8.39 19.08 -18.79
CA ASP A 122 7.87 20.38 -18.37
C ASP A 122 7.35 20.38 -16.95
N ARG A 123 6.70 19.30 -16.52
CA ARG A 123 6.27 19.23 -15.11
C ARG A 123 7.49 19.35 -14.20
N SER A 124 8.56 18.64 -14.54
CA SER A 124 9.82 18.69 -13.77
C SER A 124 10.42 20.07 -13.71
N ALA A 125 10.40 20.76 -14.87
CA ALA A 125 11.01 22.08 -14.98
C ALA A 125 10.41 23.05 -13.96
N ILE A 126 9.11 22.94 -13.74
CA ILE A 126 8.43 23.77 -12.76
C ILE A 126 9.05 23.58 -11.37
N PHE A 127 9.28 22.33 -10.98
CA PHE A 127 9.83 22.04 -9.67
C PHE A 127 11.31 22.35 -9.54
N LEU A 128 12.07 22.09 -10.60
CA LEU A 128 13.48 22.48 -10.61
C LEU A 128 13.62 24.00 -10.51
N LYS A 129 12.74 24.72 -11.21
CA LYS A 129 12.76 26.18 -11.21
C LYS A 129 12.39 26.73 -9.82
N ALA A 130 11.39 26.13 -9.20
CA ALA A 130 11.00 26.49 -7.84
C ALA A 130 12.15 26.30 -6.86
N ALA A 131 12.85 25.19 -6.95
CA ALA A 131 14.02 24.97 -6.11
C ALA A 131 15.09 26.03 -6.32
N ASP A 132 15.35 26.40 -7.57
CA ASP A 132 16.34 27.43 -7.84
C ASP A 132 15.91 28.81 -7.36
N LEU A 133 14.65 29.15 -7.55
CA LEU A 133 14.11 30.44 -7.07
C LEU A 133 14.25 30.52 -5.55
N ILE A 134 13.87 29.46 -4.85
CA ILE A 134 14.02 29.44 -3.38
C ILE A 134 15.49 29.49 -2.94
N SER A 135 16.38 28.88 -3.72
CA SER A 135 17.80 28.86 -3.39
C SER A 135 18.49 30.18 -3.69
N THR A 136 17.90 31.01 -4.55
CA THR A 136 18.52 32.27 -4.95
C THR A 136 17.64 33.49 -4.67
N LYS A 137 16.81 33.85 -5.64
CA LYS A 137 15.91 35.01 -5.54
C LYS A 137 15.17 35.16 -4.22
N TYR A 138 14.59 34.06 -3.72
CA TYR A 138 13.75 34.12 -2.51
C TYR A 138 14.41 33.53 -1.27
N ARG A 139 15.73 33.36 -1.33
CA ARG A 139 16.43 32.66 -0.26
C ARG A 139 16.22 33.37 1.09
N TYR A 140 16.39 34.68 1.10
CA TYR A 140 16.29 35.43 2.36
C TYR A 140 14.86 35.58 2.87
N ASP A 141 13.90 35.78 1.96
CA ASP A 141 12.49 35.80 2.36
C ASP A 141 12.03 34.44 2.89
N MET A 142 12.46 33.36 2.25
CA MET A 142 12.10 32.03 2.74
C MET A 142 12.76 31.70 4.08
N LEU A 143 14.04 32.02 4.22
CA LEU A 143 14.71 31.88 5.52
C LEU A 143 13.98 32.66 6.59
N ALA A 144 13.66 33.93 6.31
CA ALA A 144 12.97 34.76 7.29
C ALA A 144 11.58 34.21 7.67
N ALA A 145 10.82 33.77 6.68
CA ALA A 145 9.48 33.22 6.94
C ALA A 145 9.52 31.98 7.81
N THR A 146 10.50 31.12 7.57
CA THR A 146 10.67 29.88 8.31
C THR A 146 11.21 30.16 9.72
N MET A 147 12.19 31.04 9.82
CA MET A 147 12.75 31.39 11.11
C MET A 147 11.67 31.99 12.01
N LEU A 148 10.97 33.00 11.48
CA LEU A 148 9.98 33.73 12.28
C LEU A 148 8.74 32.90 12.59
N GLY A 149 8.21 32.21 11.60
CA GLY A 149 6.96 31.47 11.75
C GLY A 149 7.11 30.18 12.53
N GLN A 150 8.21 29.48 12.32
CA GLN A 150 8.34 28.15 12.90
C GLN A 150 9.35 28.08 14.06
N GLY A 151 9.92 29.23 14.41
CA GLY A 151 10.80 29.32 15.57
C GLY A 151 12.17 28.67 15.36
N LYS A 152 12.74 28.87 14.17
CA LYS A 152 14.04 28.28 13.84
C LYS A 152 15.12 29.34 13.81
N ASN A 153 16.33 28.98 14.21
CA ASN A 153 17.46 29.87 14.01
C ASN A 153 17.87 29.73 12.53
N VAL A 154 18.80 30.56 12.07
CA VAL A 154 19.12 30.63 10.64
C VAL A 154 19.70 29.32 10.09
N TYR A 155 20.49 28.63 10.90
CA TYR A 155 21.11 27.38 10.47
C TYR A 155 20.07 26.30 10.26
N GLN A 156 19.11 26.24 11.19
CA GLN A 156 18.03 25.25 11.14
C GLN A 156 17.14 25.55 9.94
N ALA A 157 16.88 26.83 9.74
CA ALA A 157 16.03 27.25 8.63
C ALA A 157 16.70 26.91 7.31
N GLU A 158 18.00 27.20 7.19
CA GLU A 158 18.71 26.98 5.94
C GLU A 158 18.70 25.52 5.55
N ILE A 159 18.99 24.64 6.51
CA ILE A 159 19.03 23.21 6.20
C ILE A 159 17.67 22.69 5.76
N ASP A 160 16.61 23.26 6.33
CA ASP A 160 15.24 22.87 6.03
C ASP A 160 14.74 23.51 4.73
N CYS A 161 14.46 24.81 4.79
CA CYS A 161 13.62 25.45 3.76
C CYS A 161 14.43 25.81 2.51
N ILE A 162 15.74 25.66 2.58
CA ILE A 162 16.58 25.87 1.42
C ILE A 162 17.15 24.54 0.89
N THR A 163 18.05 23.95 1.68
CA THR A 163 18.75 22.74 1.27
C THR A 163 17.87 21.47 1.10
N GLU A 164 17.18 21.05 2.15
CA GLU A 164 16.36 19.83 2.07
C GLU A 164 15.21 20.01 1.09
N LEU A 165 14.63 21.21 1.08
CA LEU A 165 13.52 21.48 0.17
C LEU A 165 14.00 21.34 -1.29
N SER A 166 15.13 21.97 -1.61
CA SER A 166 15.68 21.88 -2.97
C SER A 166 16.02 20.46 -3.35
N ASP A 167 16.68 19.76 -2.44
CA ASP A 167 16.95 18.33 -2.61
C ASP A 167 15.74 17.44 -2.89
N PHE A 168 14.62 17.68 -2.20
CA PHE A 168 13.43 16.88 -2.48
C PHE A 168 13.05 17.01 -3.96
N PHE A 169 12.96 18.25 -4.45
CA PHE A 169 12.52 18.48 -5.81
C PHE A 169 13.53 17.90 -6.82
N ARG A 170 14.82 18.16 -6.61
CA ARG A 170 15.85 17.71 -7.55
C ARG A 170 15.96 16.18 -7.59
N TYR A 171 15.90 15.55 -6.43
CA TYR A 171 15.99 14.09 -6.39
C TYR A 171 14.74 13.39 -6.89
N TYR A 172 13.58 13.96 -6.61
CA TYR A 172 12.36 13.37 -7.13
C TYR A 172 12.34 13.42 -8.65
N VAL A 173 12.81 14.53 -9.21
CA VAL A 173 12.87 14.66 -10.68
C VAL A 173 13.77 13.57 -11.25
N LYS A 174 14.94 13.38 -10.65
CA LYS A 174 15.83 12.33 -11.09
C LYS A 174 15.18 10.94 -10.96
N TYR A 175 14.55 10.66 -9.82
CA TYR A 175 13.92 9.36 -9.61
C TYR A 175 12.76 9.11 -10.57
N ALA A 176 11.93 10.13 -10.77
CA ALA A 176 10.82 10.02 -11.70
C ALA A 176 11.29 9.82 -13.13
N SER A 177 12.36 10.49 -13.53
CA SER A 177 12.85 10.33 -14.90
C SER A 177 13.24 8.88 -15.15
N ASP A 178 13.80 8.24 -14.12
CA ASP A 178 14.14 6.83 -14.20
C ASP A 178 12.86 6.01 -14.35
N LEU A 179 11.88 6.29 -13.49
CA LEU A 179 10.59 5.59 -13.54
C LEU A 179 9.95 5.66 -14.92
N TYR A 180 9.96 6.85 -15.51
CA TYR A 180 9.32 7.04 -16.81
C TYR A 180 10.13 6.51 -17.99
N ALA A 181 11.33 5.99 -17.71
CA ALA A 181 12.17 5.48 -18.78
C ALA A 181 11.75 4.06 -19.11
N GLN A 182 10.72 3.94 -19.93
CA GLN A 182 10.19 2.64 -20.32
C GLN A 182 10.08 2.59 -21.83
N GLN A 183 10.79 1.65 -22.44
CA GLN A 183 10.71 1.48 -23.89
C GLN A 183 9.89 0.22 -24.23
N PRO A 184 9.18 0.26 -25.36
CA PRO A 184 8.35 -0.89 -25.74
C PRO A 184 9.20 -2.05 -26.22
N VAL A 185 8.72 -3.27 -26.00
CA VAL A 185 9.47 -4.47 -26.35
C VAL A 185 8.60 -5.52 -27.04
N GLU A 186 9.15 -6.13 -28.08
CA GLU A 186 8.54 -7.29 -28.71
C GLU A 186 8.98 -8.51 -27.92
N SER A 187 8.02 -9.18 -27.29
CA SER A 187 8.34 -10.33 -26.47
C SER A 187 8.68 -11.55 -27.31
N ALA A 188 9.02 -12.63 -26.62
CA ALA A 188 9.37 -13.89 -27.24
C ALA A 188 8.24 -14.40 -28.13
N ASP A 189 7.00 -14.30 -27.64
CA ASP A 189 5.85 -14.82 -28.37
C ASP A 189 5.42 -13.93 -29.53
N GLY A 190 6.10 -12.80 -29.70
CA GLY A 190 5.84 -11.93 -30.82
C GLY A 190 4.87 -10.80 -30.52
N THR A 191 4.37 -10.73 -29.30
CA THR A 191 3.49 -9.62 -28.94
C THR A 191 4.33 -8.37 -28.69
N TRP A 192 3.69 -7.22 -28.78
CA TRP A 192 4.35 -5.92 -28.77
C TRP A 192 3.78 -5.15 -27.57
N ASN A 193 4.65 -4.87 -26.60
CA ASN A 193 4.23 -4.44 -25.28
C ASN A 193 4.80 -3.09 -24.87
N LYS A 194 3.99 -2.26 -24.21
CA LYS A 194 4.51 -1.07 -23.55
C LYS A 194 3.89 -0.99 -22.17
N ALA A 195 4.60 -0.34 -21.27
CA ALA A 195 4.06 -0.13 -19.93
C ALA A 195 4.12 1.35 -19.68
N GLU A 196 3.09 1.91 -19.07
CA GLU A 196 3.12 3.31 -18.70
C GLU A 196 2.60 3.51 -17.29
N TYR A 197 3.11 4.53 -16.61
CA TYR A 197 2.64 4.87 -15.28
C TYR A 197 1.64 5.99 -15.37
N ARG A 198 0.41 5.76 -14.95
CA ARG A 198 -0.60 6.80 -14.96
C ARG A 198 -0.69 7.33 -13.53
N PRO A 199 -1.18 8.57 -13.37
CA PRO A 199 -1.39 9.09 -12.01
C PRO A 199 -2.60 8.39 -11.38
N LEU A 200 -2.89 8.68 -10.10
CA LEU A 200 -4.11 8.18 -9.48
C LEU A 200 -5.26 8.84 -10.20
N GLU A 201 -6.40 8.17 -10.27
CA GLU A 201 -7.53 8.78 -10.94
C GLU A 201 -8.14 9.90 -10.10
N GLY A 202 -8.14 9.72 -8.78
CA GLY A 202 -8.70 10.74 -7.90
C GLY A 202 -7.65 11.73 -7.44
N PHE A 203 -8.06 12.75 -6.69
CA PHE A 203 -7.13 13.80 -6.25
C PHE A 203 -6.40 13.40 -4.98
N VAL A 204 -5.32 14.14 -4.68
CA VAL A 204 -4.51 13.87 -3.51
C VAL A 204 -4.75 14.98 -2.49
N TYR A 205 -5.01 14.60 -1.24
CA TYR A 205 -5.13 15.55 -0.14
C TYR A 205 -3.81 15.55 0.60
N ALA A 206 -3.07 16.66 0.52
CA ALA A 206 -1.83 16.80 1.27
C ALA A 206 -2.09 17.58 2.56
N VAL A 207 -1.70 16.98 3.68
CA VAL A 207 -1.88 17.56 5.00
C VAL A 207 -0.48 17.63 5.63
N SER A 208 0.06 18.84 5.76
CA SER A 208 1.48 19.00 6.06
C SER A 208 1.68 19.60 7.47
N PRO A 209 2.83 19.28 8.10
CA PRO A 209 3.08 19.68 9.49
C PRO A 209 3.78 21.04 9.58
N PHE A 210 3.90 21.58 10.79
CA PHE A 210 4.61 22.87 10.97
C PHE A 210 6.11 22.73 10.88
N ASN A 211 6.62 21.52 11.14
CA ASN A 211 8.01 21.46 11.58
C ASN A 211 9.10 21.63 10.53
N PHE A 212 8.81 21.25 9.29
CA PHE A 212 9.76 21.52 8.21
C PHE A 212 9.02 22.07 7.01
N THR A 213 9.48 23.21 6.53
CA THR A 213 8.97 23.75 5.28
C THR A 213 9.22 22.74 4.15
N ALA A 214 10.36 22.04 4.23
CA ALA A 214 10.72 21.06 3.21
C ALA A 214 9.71 19.91 3.16
N ILE A 215 9.14 19.54 4.30
CA ILE A 215 8.20 18.43 4.28
C ILE A 215 6.91 18.83 3.55
N ALA A 216 6.48 20.07 3.71
CA ALA A 216 5.34 20.54 2.92
C ALA A 216 5.64 20.44 1.42
N ALA A 217 6.85 20.83 1.02
CA ALA A 217 7.26 20.74 -0.39
C ALA A 217 7.22 19.30 -0.90
N ASN A 218 7.69 18.39 -0.07
CA ASN A 218 7.70 16.98 -0.44
C ASN A 218 6.27 16.40 -0.56
N LEU A 219 5.42 16.79 0.37
CA LEU A 219 4.05 16.27 0.41
C LEU A 219 3.22 16.69 -0.80
N ILE A 220 3.44 17.90 -1.30
CA ILE A 220 2.70 18.36 -2.49
C ILE A 220 3.46 18.02 -3.78
N GLY A 221 4.78 18.00 -3.70
CA GLY A 221 5.61 17.84 -4.88
C GLY A 221 5.66 16.43 -5.44
N ALA A 222 5.81 15.45 -4.55
CA ALA A 222 5.86 14.05 -4.98
C ALA A 222 4.61 13.66 -5.81
N PRO A 223 3.39 13.85 -5.26
CA PRO A 223 2.24 13.50 -6.13
C PRO A 223 2.14 14.38 -7.37
N ALA A 224 2.38 15.68 -7.27
CA ALA A 224 2.18 16.55 -8.43
C ALA A 224 3.12 16.21 -9.57
N LEU A 225 4.37 15.91 -9.23
CA LEU A 225 5.36 15.59 -10.26
C LEU A 225 4.89 14.41 -11.12
N MET A 226 4.17 13.48 -10.50
CA MET A 226 3.74 12.27 -11.20
C MET A 226 2.40 12.45 -11.92
N GLY A 227 1.97 13.69 -12.09
CA GLY A 227 0.75 13.97 -12.84
C GLY A 227 -0.54 14.01 -12.03
N ASN A 228 -0.41 14.00 -10.70
CA ASN A 228 -1.58 14.12 -9.84
C ASN A 228 -1.92 15.58 -9.55
N THR A 229 -3.16 15.86 -9.17
CA THR A 229 -3.49 17.18 -8.67
C THR A 229 -3.86 17.11 -7.20
N VAL A 230 -3.75 18.26 -6.54
CA VAL A 230 -3.57 18.30 -5.11
C VAL A 230 -4.43 19.36 -4.47
N VAL A 231 -5.08 18.97 -3.39
CA VAL A 231 -5.72 19.91 -2.50
C VAL A 231 -4.86 19.87 -1.21
N TRP A 232 -4.36 21.03 -0.79
CA TRP A 232 -3.32 21.08 0.24
C TRP A 232 -3.74 21.95 1.45
N LYS A 233 -3.84 21.34 2.63
CA LYS A 233 -4.11 22.10 3.86
C LYS A 233 -2.79 22.21 4.64
N PRO A 234 -2.17 23.39 4.62
CA PRO A 234 -0.93 23.53 5.39
C PRO A 234 -1.21 23.69 6.87
N SER A 235 -0.20 23.45 7.70
CA SER A 235 -0.28 23.73 9.12
C SER A 235 -0.49 25.23 9.34
N GLN A 236 -1.40 25.55 10.27
CA GLN A 236 -1.67 26.96 10.60
C GLN A 236 -0.37 27.67 11.00
N THR A 237 0.51 26.98 11.71
CA THR A 237 1.70 27.61 12.27
C THR A 237 2.91 27.55 11.34
N ALA A 238 2.69 27.16 10.09
CA ALA A 238 3.70 27.35 9.05
C ALA A 238 3.12 28.08 7.85
N ALA A 239 2.05 28.86 8.05
CA ALA A 239 1.30 29.39 6.91
C ALA A 239 2.14 30.36 6.09
N LEU A 240 2.95 31.17 6.76
CA LEU A 240 3.77 32.17 6.09
C LEU A 240 4.79 31.54 5.13
N SER A 241 5.59 30.60 5.61
CA SER A 241 6.57 29.93 4.74
C SER A 241 5.89 29.08 3.67
N ASN A 242 4.80 28.42 4.04
CA ASN A 242 4.11 27.56 3.09
C ASN A 242 3.46 28.40 1.97
N TYR A 243 2.89 29.54 2.33
CA TYR A 243 2.33 30.43 1.33
C TYR A 243 3.43 30.94 0.37
N LEU A 244 4.59 31.29 0.91
CA LEU A 244 5.72 31.68 0.05
C LEU A 244 6.07 30.57 -0.95
N LEU A 245 6.09 29.31 -0.48
CA LEU A 245 6.31 28.16 -1.34
C LEU A 245 5.26 28.08 -2.46
N MET A 246 4.00 28.28 -2.09
CA MET A 246 2.92 28.29 -3.08
C MET A 246 3.16 29.37 -4.14
N THR A 247 3.54 30.57 -3.70
CA THR A 247 3.69 31.66 -4.65
C THR A 247 4.90 31.45 -5.56
N VAL A 248 5.96 30.85 -5.04
CA VAL A 248 7.13 30.52 -5.84
C VAL A 248 6.76 29.48 -6.90
N LEU A 249 6.01 28.46 -6.50
CA LEU A 249 5.56 27.45 -7.48
C LEU A 249 4.81 28.10 -8.63
N GLU A 250 3.95 29.07 -8.31
CA GLU A 250 3.23 29.79 -9.36
C GLU A 250 4.17 30.59 -10.26
N GLU A 251 5.15 31.25 -9.67
CA GLU A 251 6.14 32.01 -10.45
C GLU A 251 6.93 31.07 -11.36
N ALA A 252 7.19 29.87 -10.87
CA ALA A 252 7.92 28.85 -11.61
C ALA A 252 7.09 28.23 -12.74
N GLY A 253 5.82 28.61 -12.82
CA GLY A 253 4.97 28.12 -13.90
C GLY A 253 3.96 27.02 -13.58
N LEU A 254 3.69 26.77 -12.30
CA LEU A 254 2.68 25.76 -11.97
C LEU A 254 1.33 26.20 -12.54
N PRO A 255 0.67 25.32 -13.32
CA PRO A 255 -0.62 25.74 -13.87
C PRO A 255 -1.71 25.85 -12.80
N LYS A 256 -2.71 26.70 -13.04
CA LYS A 256 -3.78 26.90 -12.07
C LYS A 256 -4.50 25.60 -11.70
N GLY A 257 -4.80 25.45 -10.41
CA GLY A 257 -5.57 24.32 -9.94
C GLY A 257 -4.80 23.01 -9.76
N VAL A 258 -3.54 22.95 -10.18
CA VAL A 258 -2.76 21.74 -9.98
C VAL A 258 -2.47 21.49 -8.49
N ILE A 259 -2.17 22.57 -7.78
CA ILE A 259 -2.09 22.52 -6.31
C ILE A 259 -2.95 23.68 -5.80
N ASN A 260 -3.76 23.39 -4.79
CA ASN A 260 -4.66 24.39 -4.24
C ASN A 260 -4.40 24.55 -2.74
N PHE A 261 -4.16 25.79 -2.32
CA PHE A 261 -3.67 26.10 -0.98
C PHE A 261 -4.86 26.49 -0.12
N ILE A 262 -5.27 25.60 0.79
CA ILE A 262 -6.48 25.84 1.60
C ILE A 262 -6.29 25.67 3.11
N PRO A 263 -5.56 26.61 3.75
CA PRO A 263 -5.52 26.64 5.22
C PRO A 263 -6.93 26.86 5.78
N GLY A 264 -7.19 26.36 6.97
CA GLY A 264 -8.51 26.51 7.57
C GLY A 264 -8.65 25.64 8.80
N ASP A 265 -9.85 25.65 9.39
CA ASP A 265 -10.18 24.80 10.54
C ASP A 265 -9.87 23.35 10.14
N PRO A 266 -8.92 22.69 10.84
CA PRO A 266 -8.46 21.36 10.39
C PRO A 266 -9.61 20.36 10.31
N VAL A 267 -10.52 20.41 11.28
CA VAL A 267 -11.67 19.50 11.28
C VAL A 267 -12.62 19.77 10.13
N GLN A 268 -13.01 21.03 9.95
CA GLN A 268 -13.94 21.39 8.90
C GLN A 268 -13.40 21.15 7.50
N VAL A 269 -12.13 21.49 7.28
CA VAL A 269 -11.55 21.35 5.95
C VAL A 269 -11.42 19.86 5.61
N THR A 270 -10.87 19.09 6.55
CA THR A 270 -10.70 17.66 6.34
C THR A 270 -12.03 16.95 6.10
N ASP A 271 -13.03 17.25 6.92
CA ASP A 271 -14.34 16.62 6.72
C ASP A 271 -14.89 16.92 5.33
N GLN A 272 -14.70 18.14 4.85
CA GLN A 272 -15.26 18.49 3.54
C GLN A 272 -14.46 17.88 2.38
N VAL A 273 -13.13 17.86 2.50
CA VAL A 273 -12.31 17.18 1.49
C VAL A 273 -12.69 15.70 1.41
N LEU A 274 -12.81 15.03 2.55
CA LEU A 274 -13.09 13.59 2.56
C LEU A 274 -14.52 13.24 2.16
N ALA A 275 -15.35 14.25 1.97
CA ALA A 275 -16.74 14.01 1.58
C ALA A 275 -16.84 13.79 0.07
N ASP A 276 -15.79 14.15 -0.66
CA ASP A 276 -15.83 14.07 -2.13
C ASP A 276 -15.51 12.68 -2.70
N LYS A 277 -16.34 12.23 -3.64
CA LYS A 277 -16.25 10.86 -4.16
C LYS A 277 -14.96 10.56 -4.92
N ASP A 278 -14.30 11.61 -5.39
CA ASP A 278 -13.06 11.47 -6.14
C ASP A 278 -11.79 11.58 -5.29
N PHE A 279 -11.93 11.51 -3.97
CA PHE A 279 -10.77 11.47 -3.08
C PHE A 279 -9.90 10.25 -3.42
N GLY A 280 -8.64 10.50 -3.80
CA GLY A 280 -7.80 9.41 -4.27
C GLY A 280 -6.69 8.97 -3.33
N ALA A 281 -6.13 9.92 -2.57
CA ALA A 281 -5.06 9.58 -1.66
C ALA A 281 -4.90 10.65 -0.57
N LEU A 282 -4.46 10.22 0.60
CA LEU A 282 -4.00 11.14 1.64
C LEU A 282 -2.48 11.08 1.68
N HIS A 283 -1.81 12.23 1.64
CA HIS A 283 -0.39 12.28 1.85
C HIS A 283 -0.13 13.13 3.09
N PHE A 284 0.35 12.51 4.16
CA PHE A 284 0.31 13.11 5.48
C PHE A 284 1.61 12.93 6.24
N THR A 285 2.06 13.97 6.92
CA THR A 285 3.16 13.85 7.89
C THR A 285 2.76 14.66 9.11
N GLY A 286 2.85 14.06 10.30
CA GLY A 286 2.38 14.71 11.50
C GLY A 286 2.17 13.74 12.64
N SER A 287 1.38 14.15 13.63
CA SER A 287 1.23 13.39 14.87
C SER A 287 0.44 12.10 14.69
N THR A 288 0.74 11.14 15.55
CA THR A 288 0.04 9.87 15.55
C THR A 288 -1.46 10.02 15.75
N ASN A 289 -1.85 10.89 16.67
CA ASN A 289 -3.27 11.07 16.97
C ASN A 289 -4.04 11.64 15.80
N VAL A 290 -3.45 12.60 15.11
CA VAL A 290 -4.12 13.18 13.96
C VAL A 290 -4.21 12.13 12.83
N PHE A 291 -3.13 11.39 12.61
CA PHE A 291 -3.16 10.32 11.59
C PHE A 291 -4.26 9.30 11.86
N LYS A 292 -4.38 8.86 13.11
CA LYS A 292 -5.40 7.87 13.44
C LYS A 292 -6.79 8.42 13.19
N SER A 293 -7.01 9.70 13.49
CA SER A 293 -8.31 10.34 13.23
C SER A 293 -8.60 10.38 11.73
N LEU A 294 -7.60 10.77 10.93
CA LEU A 294 -7.74 10.81 9.47
C LEU A 294 -8.00 9.40 8.93
N TYR A 295 -7.22 8.46 9.42
CA TYR A 295 -7.36 7.06 9.01
C TYR A 295 -8.79 6.55 9.23
N GLY A 296 -9.32 6.79 10.42
CA GLY A 296 -10.67 6.36 10.77
C GLY A 296 -11.70 7.01 9.90
N LYS A 297 -11.53 8.31 9.63
CA LYS A 297 -12.52 9.03 8.82
C LYS A 297 -12.54 8.48 7.40
N ILE A 298 -11.36 8.16 6.88
CA ILE A 298 -11.29 7.61 5.53
C ILE A 298 -11.91 6.22 5.42
N GLN A 299 -11.54 5.31 6.33
CA GLN A 299 -12.02 3.93 6.26
C GLN A 299 -13.52 3.88 6.42
N SER A 300 -14.05 4.78 7.24
CA SER A 300 -15.49 4.94 7.40
C SER A 300 -16.15 5.22 6.05
N GLY A 301 -15.56 6.12 5.28
CA GLY A 301 -16.10 6.45 3.97
C GLY A 301 -15.98 5.29 2.99
N VAL A 302 -14.86 4.57 3.08
CA VAL A 302 -14.62 3.44 2.18
C VAL A 302 -15.68 2.37 2.36
N VAL A 303 -15.83 1.89 3.58
CA VAL A 303 -16.76 0.79 3.85
C VAL A 303 -18.20 1.23 3.58
N GLU A 304 -18.47 2.52 3.72
CA GLU A 304 -19.80 3.07 3.51
C GLU A 304 -20.06 3.38 2.02
N GLY A 305 -19.01 3.30 1.20
CA GLY A 305 -19.16 3.38 -0.25
C GLY A 305 -19.18 4.76 -0.87
N LYS A 306 -18.59 5.76 -0.22
CA LYS A 306 -18.62 7.09 -0.83
C LYS A 306 -17.51 7.35 -1.85
N TYR A 307 -16.50 6.49 -1.94
CA TYR A 307 -15.38 6.72 -2.86
C TYR A 307 -15.41 5.86 -4.12
N ARG A 308 -15.04 6.48 -5.24
CA ARG A 308 -15.03 5.77 -6.52
C ARG A 308 -13.93 4.71 -6.51
N ASP A 309 -12.86 4.99 -5.79
CA ASP A 309 -11.75 4.05 -5.65
C ASP A 309 -11.41 3.81 -4.20
N TYR A 310 -10.60 2.78 -3.93
CA TYR A 310 -10.00 2.64 -2.61
C TYR A 310 -8.89 3.69 -2.49
N PRO A 311 -9.03 4.63 -1.57
CA PRO A 311 -7.98 5.66 -1.50
C PRO A 311 -6.66 5.12 -0.95
N ARG A 312 -5.54 5.67 -1.41
CA ARG A 312 -4.25 5.28 -0.85
C ARG A 312 -3.94 6.18 0.32
N ILE A 313 -3.37 5.61 1.36
CA ILE A 313 -3.02 6.38 2.54
C ILE A 313 -1.51 6.33 2.70
N ILE A 314 -0.86 7.46 2.50
CA ILE A 314 0.58 7.55 2.60
C ILE A 314 0.91 8.48 3.77
N GLY A 315 1.27 7.90 4.92
CA GLY A 315 1.45 8.66 6.15
C GLY A 315 2.77 8.42 6.87
N GLU A 316 3.29 9.45 7.54
CA GLU A 316 4.47 9.34 8.37
C GLU A 316 4.21 10.01 9.71
N THR A 317 4.41 9.28 10.80
CA THR A 317 4.09 9.81 12.12
C THR A 317 5.25 9.91 13.10
N GLY A 318 6.40 9.35 12.77
CA GLY A 318 7.46 9.28 13.77
C GLY A 318 7.01 8.46 14.98
N GLY A 319 7.67 8.64 16.12
CA GLY A 319 7.45 7.75 17.24
C GLY A 319 8.31 8.09 18.43
N LYS A 320 8.55 7.11 19.29
CA LYS A 320 9.37 7.34 20.48
C LYS A 320 10.77 6.79 20.20
N ASN A 321 11.62 7.62 19.61
CA ASN A 321 12.90 7.12 19.10
C ASN A 321 13.93 6.99 20.21
N PHE A 322 14.81 6.00 20.09
CA PHE A 322 15.72 5.67 21.19
C PHE A 322 17.20 5.82 20.88
N HIS A 323 17.96 6.12 21.93
CA HIS A 323 19.40 5.95 21.94
C HIS A 323 19.75 4.90 22.99
N LEU A 324 20.50 3.89 22.58
CA LEU A 324 20.94 2.83 23.47
C LEU A 324 22.46 2.91 23.59
N VAL A 325 22.95 3.03 24.82
CA VAL A 325 24.38 3.16 25.07
C VAL A 325 24.90 1.87 25.72
N HIS A 326 25.87 1.26 25.04
CA HIS A 326 26.57 0.07 25.52
C HIS A 326 27.78 0.50 26.36
N PRO A 327 28.19 -0.31 27.36
CA PRO A 327 29.30 0.12 28.22
C PRO A 327 30.60 0.42 27.46
N SER A 328 30.79 -0.17 26.29
CA SER A 328 31.99 0.05 25.50
C SER A 328 31.96 1.34 24.68
N ALA A 329 30.87 2.09 24.74
CA ALA A 329 30.72 3.29 23.91
C ALA A 329 31.78 4.37 24.17
N ASN A 330 32.10 5.15 23.14
CA ASN A 330 32.79 6.42 23.38
C ASN A 330 31.79 7.37 24.02
N ILE A 331 31.99 7.69 25.30
CA ILE A 331 30.97 8.41 26.05
C ILE A 331 30.77 9.86 25.60
N SER A 332 31.88 10.58 25.42
CA SER A 332 31.80 11.96 24.95
C SER A 332 30.98 12.07 23.65
N HIS A 333 31.27 11.21 22.68
CA HIS A 333 30.52 11.21 21.42
C HIS A 333 29.05 10.87 21.61
N ALA A 334 28.77 9.89 22.44
CA ALA A 334 27.37 9.49 22.72
C ALA A 334 26.62 10.63 23.42
N VAL A 335 27.31 11.35 24.31
CA VAL A 335 26.70 12.51 24.97
C VAL A 335 26.33 13.60 23.95
N LEU A 336 27.29 13.96 23.12
CA LEU A 336 27.07 15.05 22.16
C LEU A 336 26.01 14.66 21.13
N SER A 337 26.06 13.41 20.67
CA SER A 337 25.05 12.90 19.73
C SER A 337 23.64 12.93 20.33
N THR A 338 23.54 12.60 21.61
CA THR A 338 22.24 12.56 22.28
C THR A 338 21.70 13.96 22.52
N ILE A 339 22.59 14.90 22.84
CA ILE A 339 22.15 16.29 22.99
C ILE A 339 21.58 16.78 21.67
N ARG A 340 22.31 16.56 20.58
CA ARG A 340 21.84 16.99 19.27
C ARG A 340 20.57 16.26 18.85
N GLY A 341 20.54 14.93 19.01
CA GLY A 341 19.39 14.14 18.63
C GLY A 341 18.11 14.47 19.39
N THR A 342 18.24 14.89 20.64
CA THR A 342 17.07 15.08 21.51
C THR A 342 16.57 16.53 21.47
N PHE A 343 17.50 17.47 21.49
CA PHE A 343 17.16 18.86 21.80
C PHE A 343 17.18 19.81 20.60
N GLU A 344 17.77 19.39 19.47
CA GLU A 344 17.80 20.24 18.29
C GLU A 344 16.37 20.56 17.86
N PHE A 345 16.11 21.83 17.56
CA PHE A 345 14.77 22.31 17.22
C PHE A 345 13.73 21.86 18.27
N GLN A 346 14.17 21.89 19.53
CA GLN A 346 13.34 21.58 20.68
C GLN A 346 12.69 20.18 20.61
N GLY A 347 13.37 19.23 19.97
CA GLY A 347 12.84 17.88 19.84
C GLY A 347 11.65 17.75 18.88
N GLN A 348 11.40 18.76 18.06
CA GLN A 348 10.19 18.78 17.20
C GLN A 348 10.48 18.17 15.83
N LYS A 349 10.98 16.94 15.84
CA LYS A 349 11.30 16.24 14.60
C LYS A 349 10.69 14.85 14.75
N CYS A 350 10.13 14.31 13.68
CA CYS A 350 9.59 12.95 13.71
C CYS A 350 10.65 11.95 14.22
N SER A 351 11.91 12.22 13.92
CA SER A 351 12.99 11.27 14.24
C SER A 351 13.78 11.61 15.52
N ALA A 352 13.31 12.61 16.29
CA ALA A 352 14.08 13.07 17.45
C ALA A 352 14.22 11.98 18.50
N ALA A 353 15.38 11.91 19.14
CA ALA A 353 15.54 10.97 20.27
C ALA A 353 14.73 11.49 21.46
N SER A 354 14.06 10.59 22.17
CA SER A 354 13.34 11.00 23.38
C SER A 354 13.47 9.99 24.51
N ARG A 355 14.06 8.82 24.24
CA ARG A 355 14.37 7.89 25.32
C ARG A 355 15.81 7.43 25.20
N LEU A 356 16.45 7.27 26.36
CA LEU A 356 17.87 6.95 26.44
C LEU A 356 18.08 5.79 27.41
N TYR A 357 18.84 4.78 27.00
CA TYR A 357 19.17 3.68 27.89
C TYR A 357 20.66 3.75 28.18
N LEU A 358 21.01 3.90 29.46
CA LEU A 358 22.42 4.03 29.88
C LEU A 358 22.82 2.88 30.78
N PRO A 359 24.05 2.37 30.59
CA PRO A 359 24.49 1.36 31.54
C PRO A 359 24.86 2.00 32.89
N GLU A 360 24.61 1.28 33.98
CA GLU A 360 24.89 1.81 35.32
C GLU A 360 26.33 2.30 35.51
N SER A 361 27.31 1.55 35.00
CA SER A 361 28.72 1.89 35.22
C SER A 361 29.15 3.18 34.53
N LYS A 362 28.42 3.60 33.51
CA LYS A 362 28.81 4.77 32.73
C LYS A 362 27.83 5.93 32.93
N SER A 363 26.76 5.70 33.66
CA SER A 363 25.69 6.71 33.72
C SER A 363 26.12 8.03 34.39
N GLU A 364 26.87 7.95 35.48
CA GLU A 364 27.32 9.17 36.17
C GLU A 364 28.16 10.04 35.25
N GLU A 365 29.13 9.42 34.58
CA GLU A 365 30.00 10.13 33.65
C GLU A 365 29.22 10.73 32.46
N PHE A 366 28.33 9.94 31.87
CA PHE A 366 27.53 10.40 30.73
C PHE A 366 26.68 11.60 31.13
N LEU A 367 25.92 11.45 32.20
CA LEU A 367 25.00 12.50 32.61
C LEU A 367 25.70 13.76 33.11
N SER A 368 26.79 13.62 33.86
CA SER A 368 27.48 14.83 34.29
C SER A 368 28.06 15.59 33.09
N ASP A 369 28.63 14.85 32.13
CA ASP A 369 29.08 15.46 30.88
C ASP A 369 27.94 16.19 30.18
N MET A 370 26.81 15.52 30.02
CA MET A 370 25.66 16.08 29.33
C MET A 370 25.18 17.35 30.01
N PHE A 371 25.02 17.29 31.33
CA PHE A 371 24.52 18.43 32.07
C PHE A 371 25.52 19.61 32.00
N GLY A 372 26.81 19.30 32.08
CA GLY A 372 27.82 20.33 31.95
C GLY A 372 27.74 21.06 30.62
N ILE A 373 27.56 20.29 29.54
CA ILE A 373 27.44 20.83 28.19
C ILE A 373 26.19 21.68 28.00
N LEU A 374 25.04 21.19 28.45
CA LEU A 374 23.80 21.94 28.41
C LEU A 374 23.93 23.25 29.19
N GLN A 375 24.58 23.16 30.35
CA GLN A 375 24.77 24.34 31.20
C GLN A 375 25.66 25.38 30.51
N SER A 376 26.72 24.90 29.85
CA SER A 376 27.64 25.77 29.14
C SER A 376 26.99 26.59 28.02
N GLN A 377 25.88 26.11 27.50
CA GLN A 377 25.20 26.79 26.39
C GLN A 377 24.56 28.13 26.82
N GLY A 391 14.75 35.08 14.80
CA GLY A 391 13.35 35.35 15.07
C GLY A 391 13.11 35.89 16.48
N GLY A 392 14.01 35.52 17.39
CA GLY A 392 13.90 35.89 18.79
C GLY A 392 14.47 34.79 19.67
N ASN A 393 14.77 35.13 20.93
CA ASN A 393 15.32 34.15 21.87
C ASN A 393 15.19 34.60 23.32
N LEU A 394 15.47 33.68 24.24
CA LEU A 394 15.40 33.97 25.67
C LEU A 394 16.45 33.18 26.44
N ARG A 395 17.15 33.88 27.34
CA ARG A 395 18.21 33.32 28.17
C ARG A 395 17.82 31.98 28.82
N GLY A 396 18.67 30.96 28.62
CA GLY A 396 18.46 29.64 29.18
C GLY A 396 17.77 28.64 28.26
N PHE A 397 17.36 29.11 27.09
CA PHE A 397 16.59 28.28 26.16
C PHE A 397 17.25 28.26 24.78
N MET A 398 17.13 27.13 24.08
CA MET A 398 17.74 26.97 22.77
C MET A 398 16.90 27.58 21.64
N GLY A 399 15.58 27.59 21.86
CA GLY A 399 14.61 28.12 20.90
C GLY A 399 13.25 27.78 21.47
N PRO A 400 12.16 28.33 20.91
CA PRO A 400 10.81 28.07 21.43
C PRO A 400 10.19 26.81 20.84
N VAL A 401 9.19 26.23 21.52
CA VAL A 401 8.31 25.25 20.89
C VAL A 401 7.25 26.02 20.08
N ILE A 402 6.48 25.31 19.26
CA ILE A 402 5.74 25.97 18.18
C ILE A 402 4.54 26.82 18.63
N HIS A 403 3.81 26.38 19.65
CA HIS A 403 2.62 27.13 20.07
C HIS A 403 2.25 26.87 21.53
N GLU A 404 1.24 27.60 22.01
CA GLU A 404 0.85 27.53 23.42
C GLU A 404 0.32 26.16 23.82
N GLN A 405 -0.35 25.49 22.90
CA GLN A 405 -0.92 24.17 23.18
C GLN A 405 0.21 23.17 23.44
N SER A 406 1.26 23.26 22.63
CA SER A 406 2.44 22.44 22.90
C SER A 406 3.07 22.82 24.23
N PHE A 407 3.22 24.14 24.45
CA PHE A 407 3.83 24.63 25.68
C PHE A 407 3.11 24.08 26.91
N ASP A 408 1.79 24.22 26.92
CA ASP A 408 1.00 23.78 28.07
C ASP A 408 1.08 22.25 28.28
N LYS A 409 1.07 21.47 27.21
CA LYS A 409 1.24 20.02 27.34
C LYS A 409 2.60 19.68 27.99
N LEU A 410 3.65 20.35 27.53
CA LEU A 410 4.98 20.11 28.07
C LEU A 410 5.11 20.53 29.55
N VAL A 411 4.43 21.61 29.93
CA VAL A 411 4.42 22.03 31.33
C VAL A 411 3.78 20.93 32.19
N LYS A 412 2.68 20.35 31.71
CA LYS A 412 2.02 19.27 32.42
C LYS A 412 2.94 18.05 32.57
N VAL A 413 3.63 17.70 31.49
CA VAL A 413 4.61 16.60 31.54
C VAL A 413 5.65 16.82 32.63
N ILE A 414 6.17 18.05 32.70
CA ILE A 414 7.21 18.40 33.64
C ILE A 414 6.65 18.40 35.06
N GLU A 415 5.51 19.05 35.24
CA GLU A 415 4.92 19.14 36.58
C GLU A 415 4.47 17.76 37.09
N ASP A 416 3.92 16.95 36.20
CA ASP A 416 3.55 15.57 36.58
C ASP A 416 4.77 14.78 37.04
N ALA A 417 5.92 15.01 36.40
CA ALA A 417 7.13 14.27 36.76
C ALA A 417 7.59 14.57 38.19
N LYS A 418 7.30 15.78 38.68
CA LYS A 418 7.69 16.15 40.04
C LYS A 418 6.88 15.40 41.10
N LYS A 419 5.77 14.81 40.70
CA LYS A 419 4.87 14.16 41.66
C LYS A 419 4.82 12.64 41.52
N ASP A 420 5.58 12.09 40.58
CA ASP A 420 5.64 10.66 40.36
C ASP A 420 6.89 10.08 41.05
N PRO A 421 6.68 9.16 42.01
CA PRO A 421 7.79 8.56 42.77
C PRO A 421 8.81 7.81 41.89
N GLU A 422 8.38 7.39 40.71
CA GLU A 422 9.26 6.65 39.81
C GLU A 422 9.98 7.56 38.81
N LEU A 423 9.75 8.86 38.91
CA LEU A 423 10.44 9.81 38.04
C LEU A 423 11.26 10.82 38.84
N GLU A 424 12.34 11.31 38.24
CA GLU A 424 13.10 12.40 38.88
C GLU A 424 13.64 13.31 37.79
N ILE A 425 13.37 14.61 37.89
CA ILE A 425 13.99 15.55 36.95
C ILE A 425 15.44 15.75 37.33
N LEU A 426 16.34 15.24 36.49
CA LEU A 426 17.77 15.33 36.77
C LEU A 426 18.35 16.65 36.31
N TYR A 427 17.76 17.20 35.25
CA TYR A 427 18.23 18.46 34.71
C TYR A 427 17.10 19.18 34.04
N GLY A 428 17.05 20.50 34.23
CA GLY A 428 16.19 21.36 33.44
C GLY A 428 14.78 21.50 33.98
N GLY A 429 13.80 21.35 33.10
CA GLY A 429 12.39 21.48 33.47
C GLY A 429 11.93 22.93 33.62
N GLN A 430 12.75 23.86 33.16
CA GLN A 430 12.41 25.29 33.22
C GLN A 430 11.49 25.66 32.06
N TYR A 431 10.59 26.61 32.29
CA TYR A 431 9.72 27.10 31.22
C TYR A 431 9.24 28.50 31.54
N ASP A 432 8.90 29.26 30.51
CA ASP A 432 8.47 30.66 30.64
C ASP A 432 7.70 31.04 29.39
N LYS A 433 6.45 31.46 29.53
CA LYS A 433 5.67 31.82 28.34
C LYS A 433 5.34 33.31 28.27
N SER A 434 6.06 34.12 29.05
CA SER A 434 5.79 35.56 29.08
C SER A 434 6.12 36.25 27.75
N GLN A 435 7.08 35.71 27.00
CA GLN A 435 7.55 36.33 25.76
C GLN A 435 7.35 35.41 24.54
N GLY A 436 7.87 34.19 24.64
CA GLY A 436 7.64 33.16 23.62
C GLY A 436 7.32 31.85 24.31
N TRP A 437 7.11 30.78 23.55
CA TRP A 437 6.82 29.48 24.14
C TRP A 437 8.10 28.74 24.51
N PHE A 438 8.73 29.13 25.62
CA PHE A 438 10.07 28.62 25.90
C PHE A 438 10.08 27.53 26.97
N VAL A 439 10.51 26.34 26.55
CA VAL A 439 10.69 25.20 27.45
C VAL A 439 12.12 24.76 27.27
N GLY A 440 12.84 24.64 28.38
CA GLY A 440 14.24 24.30 28.31
C GLY A 440 14.48 22.80 28.23
N PRO A 441 15.70 22.41 27.86
CA PRO A 441 16.07 21.00 27.78
C PRO A 441 15.82 20.37 29.14
N THR A 442 15.22 19.19 29.14
CA THR A 442 14.78 18.56 30.37
C THR A 442 15.14 17.08 30.31
N VAL A 443 15.75 16.57 31.37
CA VAL A 443 16.13 15.15 31.44
C VAL A 443 15.50 14.53 32.67
N ILE A 444 14.70 13.48 32.46
CA ILE A 444 13.94 12.86 33.53
C ILE A 444 14.33 11.39 33.63
N LYS A 445 14.76 10.96 34.81
CA LYS A 445 15.11 9.56 35.02
C LYS A 445 13.88 8.75 35.42
N ALA A 446 13.65 7.62 34.74
CA ALA A 446 12.55 6.72 35.10
C ALA A 446 13.10 5.46 35.80
N LYS A 447 12.46 5.00 36.87
CA LYS A 447 13.00 3.89 37.64
C LYS A 447 12.59 2.52 37.08
N ARG A 448 11.78 2.56 36.04
CA ARG A 448 11.13 1.38 35.47
C ARG A 448 11.25 1.55 33.96
N PRO A 449 11.72 0.51 33.21
CA PRO A 449 11.91 0.73 31.77
C PRO A 449 10.60 0.82 30.97
N ASP A 450 9.51 0.33 31.53
CA ASP A 450 8.19 0.42 30.88
C ASP A 450 7.28 1.50 31.46
N HIS A 451 7.86 2.44 32.19
CA HIS A 451 7.12 3.61 32.63
C HIS A 451 6.54 4.34 31.41
N PRO A 452 5.33 4.89 31.53
CA PRO A 452 4.72 5.65 30.43
C PRO A 452 5.62 6.74 29.83
N TYR A 453 6.49 7.38 30.62
CA TYR A 453 7.38 8.39 30.04
C TYR A 453 8.41 7.80 29.07
N MET A 454 8.60 6.47 29.11
CA MET A 454 9.46 5.82 28.13
C MET A 454 8.75 5.52 26.80
N SER A 455 7.44 5.79 26.72
CA SER A 455 6.70 5.52 25.49
C SER A 455 5.79 6.64 24.96
N THR A 456 5.34 7.54 25.84
CA THR A 456 4.47 8.64 25.38
C THR A 456 5.25 9.70 24.60
N GLU A 457 4.76 10.06 23.42
CA GLU A 457 5.45 11.08 22.63
C GLU A 457 5.11 12.46 23.20
N PHE A 458 6.13 13.25 23.53
CA PHE A 458 5.91 14.58 24.10
C PHE A 458 6.15 15.68 23.06
N PHE A 459 6.87 15.37 21.99
CA PHE A 459 7.13 16.36 20.91
C PHE A 459 7.70 17.67 21.51
N GLY A 460 8.79 17.56 22.27
CA GLY A 460 9.35 18.70 22.96
C GLY A 460 10.71 18.29 23.49
N PRO A 461 11.42 19.22 24.13
CA PRO A 461 12.81 18.99 24.54
C PRO A 461 12.89 18.20 25.84
N ILE A 462 12.31 17.01 25.85
CA ILE A 462 12.25 16.18 27.06
C ILE A 462 12.83 14.79 26.81
N LEU A 463 13.88 14.45 27.54
CA LEU A 463 14.52 13.14 27.41
C LEU A 463 14.21 12.30 28.64
N THR A 464 13.72 11.07 28.42
CA THR A 464 13.54 10.14 29.53
C THR A 464 14.67 9.12 29.50
N VAL A 465 15.29 8.87 30.65
CA VAL A 465 16.45 7.98 30.70
C VAL A 465 16.21 6.81 31.64
N TYR A 466 16.57 5.62 31.19
CA TYR A 466 16.51 4.45 32.05
C TYR A 466 17.93 3.89 32.16
N GLU A 467 18.36 3.61 33.39
CA GLU A 467 19.70 3.07 33.63
C GLU A 467 19.61 1.57 33.91
N TYR A 468 20.31 0.76 33.13
CA TYR A 468 20.24 -0.69 33.23
C TYR A 468 21.58 -1.25 33.75
N PRO A 469 21.55 -2.34 34.53
CA PRO A 469 22.82 -2.92 34.99
C PRO A 469 23.63 -3.41 33.81
N ASP A 470 24.94 -3.20 33.81
CA ASP A 470 25.78 -3.48 32.65
C ASP A 470 25.61 -4.89 32.05
N THR A 471 25.49 -5.89 32.93
CA THR A 471 25.37 -7.28 32.51
C THR A 471 24.03 -7.59 31.87
N GLU A 472 23.10 -6.64 31.92
CA GLU A 472 21.78 -6.90 31.38
C GLU A 472 21.54 -6.19 30.05
N PHE A 473 22.62 -5.93 29.32
CA PHE A 473 22.51 -5.30 28.00
C PHE A 473 21.64 -6.11 27.04
N ASN A 474 21.83 -7.43 27.01
CA ASN A 474 21.02 -8.24 26.12
C ASN A 474 19.55 -8.17 26.53
N GLU A 475 19.30 -8.18 27.83
CA GLU A 475 17.96 -8.09 28.37
C GLU A 475 17.27 -6.77 27.99
N ILE A 476 18.00 -5.68 28.08
CA ILE A 476 17.42 -4.38 27.72
C ILE A 476 17.11 -4.31 26.22
N CYS A 477 17.91 -4.96 25.37
CA CYS A 477 17.57 -5.00 23.95
C CYS A 477 16.24 -5.71 23.77
N ASP A 478 16.09 -6.84 24.46
CA ASP A 478 14.87 -7.65 24.40
C ASP A 478 13.66 -6.84 24.85
N ILE A 479 13.84 -6.00 25.87
CA ILE A 479 12.77 -5.13 26.35
C ILE A 479 12.38 -4.09 25.28
N ILE A 480 13.36 -3.54 24.58
CA ILE A 480 13.04 -2.62 23.49
C ILE A 480 12.26 -3.32 22.37
N ASP A 481 12.69 -4.52 22.00
CA ASP A 481 11.99 -5.27 20.96
C ASP A 481 10.57 -5.66 21.38
N ASN A 482 10.45 -6.22 22.58
CA ASN A 482 9.16 -6.72 23.06
C ASN A 482 8.10 -5.62 23.14
N THR A 483 8.51 -4.41 23.51
CA THR A 483 7.55 -3.32 23.73
C THR A 483 7.34 -2.42 22.49
N TYR A 486 7.41 0.95 18.57
CA TYR A 486 6.77 1.94 17.69
C TYR A 486 7.70 3.13 17.42
N ALA A 487 8.81 2.88 16.75
CA ALA A 487 9.81 3.94 16.54
C ALA A 487 10.21 4.07 15.08
N LEU A 488 10.34 5.31 14.65
CA LEU A 488 10.87 5.61 13.34
C LEU A 488 12.36 5.31 13.31
N THR A 489 13.06 5.69 14.37
CA THR A 489 14.52 5.59 14.37
C THR A 489 15.06 5.11 15.72
N GLY A 490 16.29 4.60 15.70
CA GLY A 490 16.95 4.20 16.93
C GLY A 490 18.44 4.13 16.70
N ALA A 491 19.22 4.20 17.77
CA ALA A 491 20.68 4.24 17.61
C ALA A 491 21.31 3.47 18.73
N ILE A 492 22.43 2.82 18.42
CA ILE A 492 23.27 2.22 19.45
C ILE A 492 24.63 2.89 19.40
N PHE A 493 25.18 3.15 20.58
CA PHE A 493 26.54 3.66 20.73
C PHE A 493 27.37 2.59 21.43
N ALA A 494 28.44 2.17 20.76
CA ALA A 494 29.19 1.00 21.18
C ALA A 494 30.43 0.86 20.31
N LYS A 495 31.44 0.21 20.88
CA LYS A 495 32.65 -0.14 20.14
C LYS A 495 32.64 -1.65 19.87
N ASP A 496 32.11 -2.41 20.83
CA ASP A 496 32.09 -3.89 20.78
C ASP A 496 31.25 -4.41 19.63
N ARG A 497 31.86 -5.05 18.63
CA ARG A 497 31.10 -5.51 17.46
C ARG A 497 30.06 -6.59 17.78
N LYS A 498 30.35 -7.45 18.75
CA LYS A 498 29.39 -8.49 19.14
C LYS A 498 28.11 -7.86 19.68
N ALA A 499 28.25 -6.86 20.54
CA ALA A 499 27.09 -6.15 21.09
C ALA A 499 26.33 -5.42 20.00
N ILE A 500 27.07 -4.78 19.10
CA ILE A 500 26.45 -4.06 17.98
C ILE A 500 25.64 -5.02 17.10
N GLU A 501 26.21 -6.19 16.82
CA GLU A 501 25.55 -7.18 15.97
C GLU A 501 24.29 -7.74 16.63
N TYR A 502 24.40 -8.02 17.92
CA TYR A 502 23.25 -8.52 18.68
C TYR A 502 22.11 -7.52 18.64
N ALA A 503 22.41 -6.27 18.97
CA ALA A 503 21.39 -5.21 18.97
C ALA A 503 20.84 -4.95 17.57
N ASP A 504 21.73 -4.84 16.58
CA ASP A 504 21.35 -4.59 15.19
C ASP A 504 20.30 -5.60 14.79
N GLU A 505 20.49 -6.86 15.20
CA GLU A 505 19.57 -7.93 14.85
C GLU A 505 18.32 -8.01 15.75
N LYS A 506 18.49 -7.98 17.06
CA LYS A 506 17.34 -7.98 17.99
C LYS A 506 16.37 -6.82 17.75
N LEU A 507 16.89 -5.68 17.33
CA LEU A 507 16.09 -4.49 17.22
C LEU A 507 15.64 -4.26 15.76
N LYS A 508 15.71 -5.30 14.94
CA LYS A 508 15.43 -5.12 13.52
C LYS A 508 13.97 -4.71 13.24
N PHE A 509 13.05 -5.06 14.14
CA PHE A 509 11.66 -4.63 14.00
C PHE A 509 11.32 -3.39 14.82
N SER A 510 12.29 -2.83 15.54
CA SER A 510 12.01 -1.76 16.48
C SER A 510 12.23 -0.37 15.93
N ALA A 511 12.75 -0.28 14.70
CA ALA A 511 13.03 1.01 14.07
C ALA A 511 13.29 0.77 12.59
N GLY A 512 12.80 1.67 11.74
CA GLY A 512 13.01 1.56 10.31
C GLY A 512 14.40 2.02 9.90
N ASN A 513 14.95 2.98 10.64
CA ASN A 513 16.31 3.44 10.39
C ASN A 513 17.11 3.24 11.67
N PHE A 514 18.22 2.52 11.57
CA PHE A 514 19.01 2.15 12.74
C PHE A 514 20.38 2.75 12.56
N TYR A 515 20.91 3.36 13.62
CA TYR A 515 22.17 4.08 13.50
C TYR A 515 23.19 3.53 14.46
N ILE A 516 24.44 3.43 14.01
CA ILE A 516 25.51 2.96 14.88
C ILE A 516 26.47 4.12 15.12
N ASN A 517 26.57 4.56 16.38
CA ASN A 517 27.45 5.65 16.75
C ASN A 517 27.10 6.94 16.04
N ASP A 518 25.81 7.15 15.83
CA ASP A 518 25.32 8.40 15.25
C ASP A 518 23.96 8.69 15.87
N LYS A 519 23.61 9.98 16.00
CA LYS A 519 22.29 10.36 16.50
C LYS A 519 21.20 9.78 15.61
N CYS A 520 20.03 9.53 16.20
CA CYS A 520 18.95 8.84 15.47
C CYS A 520 18.15 9.78 14.56
N THR A 521 18.53 11.07 14.52
CA THR A 521 17.96 11.99 13.53
C THR A 521 18.84 11.98 12.26
N GLY A 522 20.00 11.35 12.36
CA GLY A 522 20.89 11.19 11.22
C GLY A 522 21.51 12.48 10.75
N ASN A 546 11.14 5.67 -3.78
CA ASN A 546 10.06 4.69 -3.82
C ASN A 546 8.70 5.33 -3.51
N ILE A 547 8.71 6.50 -2.89
CA ILE A 547 7.45 7.17 -2.55
C ILE A 547 6.70 7.62 -3.81
N LEU A 548 7.44 7.86 -4.89
CA LEU A 548 6.80 8.28 -6.13
C LEU A 548 5.91 7.19 -6.69
N SER A 549 6.31 5.94 -6.47
CA SER A 549 5.52 4.82 -6.98
C SER A 549 4.17 4.67 -6.27
N ARG A 550 4.02 5.29 -5.09
CA ARG A 550 2.73 5.24 -4.38
C ARG A 550 1.71 6.16 -5.04
N PHE A 551 2.19 7.06 -5.90
CA PHE A 551 1.31 8.04 -6.54
C PHE A 551 1.01 7.76 -8.01
N VAL A 552 1.39 6.59 -8.47
CA VAL A 552 1.04 6.13 -9.81
C VAL A 552 0.57 4.69 -9.81
N SER A 553 0.01 4.25 -10.94
CA SER A 553 -0.21 2.84 -11.13
C SER A 553 0.17 2.43 -12.56
N ILE A 554 0.69 1.21 -12.67
CA ILE A 554 1.17 0.72 -13.94
C ILE A 554 0.00 0.31 -14.82
N ARG A 555 0.09 0.59 -16.11
CA ARG A 555 -0.87 0.07 -17.06
C ARG A 555 -0.13 -0.52 -18.22
N ASN A 556 -0.40 -1.80 -18.52
CA ASN A 556 0.27 -2.47 -19.63
C ASN A 556 -0.61 -2.57 -20.86
N THR A 557 -0.04 -2.24 -22.02
CA THR A 557 -0.70 -2.47 -23.28
C THR A 557 0.05 -3.57 -24.02
N LYS A 558 -0.68 -4.53 -24.57
CA LYS A 558 -0.09 -5.63 -25.32
C LYS A 558 -0.83 -5.80 -26.63
N GLU A 559 -0.10 -5.74 -27.75
CA GLU A 559 -0.71 -5.93 -29.05
C GLU A 559 -0.32 -7.28 -29.65
N ASN A 560 -1.31 -7.98 -30.20
CA ASN A 560 -1.08 -9.25 -30.85
C ASN A 560 -1.27 -9.13 -32.35
N PHE A 561 -0.41 -9.79 -33.12
CA PHE A 561 -0.44 -9.64 -34.57
C PHE A 561 -1.01 -10.87 -35.28
N TYR A 562 -1.06 -11.99 -34.56
CA TYR A 562 -1.54 -13.24 -35.14
C TYR A 562 -3.07 -13.23 -35.24
N GLU A 563 -3.59 -13.70 -36.37
CA GLU A 563 -5.03 -13.77 -36.59
C GLU A 563 -5.53 -15.21 -36.55
N LEU A 564 -6.51 -15.45 -35.68
CA LEU A 564 -7.12 -16.77 -35.53
C LEU A 564 -8.01 -17.10 -36.72
N ASP B 42 1.74 -42.11 -20.88
CA ASP B 42 1.42 -40.68 -20.75
C ASP B 42 -0.08 -40.48 -20.49
N TRP B 43 -0.90 -40.79 -21.49
CA TRP B 43 -2.35 -40.74 -21.32
C TRP B 43 -2.78 -41.81 -20.32
N ASP B 44 -2.02 -42.91 -20.28
CA ASP B 44 -2.30 -44.00 -19.36
C ASP B 44 -2.01 -43.61 -17.90
N LEU B 45 -0.97 -42.81 -17.71
CA LEU B 45 -0.62 -42.36 -16.36
C LEU B 45 -1.64 -41.36 -15.85
N LEU B 46 -2.17 -40.54 -16.75
CA LEU B 46 -3.21 -39.61 -16.37
C LEU B 46 -4.48 -40.38 -16.02
N ARG B 47 -4.81 -41.36 -16.86
CA ARG B 47 -5.98 -42.19 -16.65
C ARG B 47 -5.91 -42.83 -15.26
N ALA B 48 -4.74 -43.34 -14.91
CA ALA B 48 -4.55 -44.03 -13.63
C ALA B 48 -4.74 -43.08 -12.45
N SER B 49 -4.29 -41.84 -12.58
CA SER B 49 -4.49 -40.86 -11.53
C SER B 49 -5.96 -40.50 -11.38
N LEU B 50 -6.65 -40.32 -12.49
CA LEU B 50 -8.08 -39.99 -12.44
C LEU B 50 -8.87 -41.10 -11.76
N MET B 51 -8.53 -42.34 -12.09
CA MET B 51 -9.24 -43.49 -11.55
C MET B 51 -9.03 -43.64 -10.04
N LYS B 52 -7.82 -43.37 -9.58
CA LYS B 52 -7.52 -43.38 -8.15
C LYS B 52 -8.46 -42.44 -7.38
N PHE B 53 -8.45 -41.16 -7.74
CA PHE B 53 -9.30 -40.17 -7.07
C PHE B 53 -10.80 -40.37 -7.30
N LYS B 54 -11.15 -40.99 -8.43
CA LYS B 54 -12.57 -41.21 -8.75
C LYS B 54 -13.18 -42.39 -8.00
N SER B 55 -12.34 -43.28 -7.47
CA SER B 55 -12.84 -44.55 -6.95
C SER B 55 -13.06 -44.59 -5.43
N SER B 56 -12.56 -43.58 -4.74
CA SER B 56 -12.80 -43.42 -3.31
C SER B 56 -12.69 -41.95 -2.92
N SER B 57 -13.22 -41.60 -1.75
CA SER B 57 -13.14 -40.23 -1.25
C SER B 57 -11.92 -40.05 -0.36
N LEU B 58 -11.06 -39.10 -0.68
CA LEU B 58 -9.88 -38.84 0.14
C LEU B 58 -10.26 -38.04 1.38
N GLU B 59 -9.76 -38.45 2.54
CA GLU B 59 -9.93 -37.67 3.75
C GLU B 59 -8.91 -36.53 3.77
N VAL B 60 -9.37 -35.29 3.64
CA VAL B 60 -8.45 -34.14 3.64
C VAL B 60 -8.39 -33.47 5.01
N PRO B 61 -7.22 -33.55 5.66
CA PRO B 61 -7.06 -33.02 7.02
C PRO B 61 -6.66 -31.56 7.02
N LEU B 62 -6.76 -30.92 8.19
CA LEU B 62 -6.05 -29.67 8.41
C LEU B 62 -4.58 -30.05 8.47
N VAL B 63 -3.70 -29.12 8.13
CA VAL B 63 -2.28 -29.29 8.42
C VAL B 63 -1.83 -28.12 9.26
N ILE B 64 -1.56 -28.39 10.54
CA ILE B 64 -1.15 -27.33 11.45
C ILE B 64 0.14 -27.72 12.13
N ASN B 65 1.16 -26.85 12.02
CA ASN B 65 2.47 -27.14 12.60
C ASN B 65 3.04 -28.46 12.11
N GLY B 66 2.84 -28.77 10.83
CA GLY B 66 3.34 -30.00 10.26
C GLY B 66 2.49 -31.24 10.52
N GLU B 67 1.47 -31.10 11.37
CA GLU B 67 0.66 -32.25 11.76
C GLU B 67 -0.68 -32.32 11.03
N ARG B 68 -1.05 -33.52 10.55
CA ARG B 68 -2.35 -33.69 9.90
C ARG B 68 -3.46 -33.93 10.92
N ILE B 69 -4.45 -33.02 10.94
CA ILE B 69 -5.56 -33.16 11.89
C ILE B 69 -6.86 -33.48 11.15
N TYR B 70 -7.38 -34.68 11.42
CA TYR B 70 -8.64 -35.16 10.84
C TYR B 70 -9.85 -34.80 11.72
N ASP B 71 -11.05 -35.11 11.23
CA ASP B 71 -12.27 -34.69 11.92
C ASP B 71 -12.36 -35.33 13.31
N ASN B 72 -11.91 -36.58 13.43
CA ASN B 72 -11.93 -37.33 14.69
C ASN B 72 -13.25 -37.23 15.48
N ASN B 73 -14.36 -37.26 14.75
CA ASN B 73 -15.70 -37.21 15.35
C ASN B 73 -16.02 -35.94 16.16
N GLU B 74 -15.23 -34.88 15.98
CA GLU B 74 -15.53 -33.62 16.65
C GLU B 74 -15.75 -32.48 15.63
N ARG B 75 -15.02 -32.52 14.53
CA ARG B 75 -15.09 -31.45 13.52
C ARG B 75 -16.04 -31.79 12.37
N ALA B 76 -16.64 -30.75 11.79
CA ALA B 76 -17.49 -30.91 10.62
C ALA B 76 -16.68 -31.43 9.43
N LEU B 77 -17.36 -32.04 8.48
CA LEU B 77 -16.73 -32.54 7.25
C LEU B 77 -17.47 -32.00 6.03
N PHE B 78 -16.72 -31.35 5.14
CA PHE B 78 -17.29 -30.83 3.91
C PHE B 78 -17.00 -31.77 2.76
N PRO B 79 -18.05 -32.27 2.10
CA PRO B 79 -17.84 -33.11 0.92
C PRO B 79 -17.49 -32.28 -0.31
N GLN B 80 -16.27 -32.43 -0.83
CA GLN B 80 -15.93 -31.79 -2.09
C GLN B 80 -16.35 -32.74 -3.20
N THR B 81 -17.27 -32.31 -4.05
CA THR B 81 -17.73 -33.17 -5.14
C THR B 81 -17.21 -32.71 -6.50
N ASN B 82 -17.29 -33.59 -7.49
CA ASN B 82 -16.92 -33.31 -8.87
C ASN B 82 -17.99 -32.43 -9.52
N PRO B 83 -17.61 -31.20 -9.94
CA PRO B 83 -18.56 -30.27 -10.58
C PRO B 83 -19.15 -30.82 -11.88
N ALA B 84 -18.46 -31.76 -12.52
CA ALA B 84 -18.97 -32.38 -13.74
C ALA B 84 -19.81 -33.62 -13.44
N ASN B 85 -19.84 -34.02 -12.18
CA ASN B 85 -20.52 -35.24 -11.77
C ASN B 85 -20.68 -35.20 -10.25
N HIS B 86 -21.68 -34.44 -9.79
CA HIS B 86 -21.73 -34.03 -8.38
C HIS B 86 -22.15 -35.13 -7.41
N GLN B 87 -22.47 -36.31 -7.94
CA GLN B 87 -22.74 -37.47 -7.09
C GLN B 87 -21.41 -38.07 -6.63
N GLN B 88 -20.32 -37.68 -7.27
CA GLN B 88 -19.03 -38.24 -6.96
C GLN B 88 -18.32 -37.40 -5.91
N VAL B 89 -18.11 -37.98 -4.73
CA VAL B 89 -17.43 -37.28 -3.64
C VAL B 89 -15.93 -37.51 -3.73
N LEU B 90 -15.18 -36.48 -4.10
CA LEU B 90 -13.74 -36.58 -4.27
C LEU B 90 -13.01 -36.58 -2.93
N ALA B 91 -13.54 -35.83 -1.99
CA ALA B 91 -12.88 -35.68 -0.70
C ALA B 91 -13.84 -35.28 0.39
N ASN B 92 -13.56 -35.73 1.61
CA ASN B 92 -14.25 -35.23 2.78
C ASN B 92 -13.29 -34.36 3.59
N VAL B 93 -13.56 -33.06 3.56
CA VAL B 93 -12.61 -32.08 4.05
C VAL B 93 -12.87 -31.74 5.51
N THR B 94 -11.87 -31.97 6.35
CA THR B 94 -11.97 -31.59 7.75
C THR B 94 -12.13 -30.07 7.85
N GLN B 95 -12.98 -29.62 8.77
CA GLN B 95 -13.26 -28.19 8.94
C GLN B 95 -12.67 -27.65 10.25
N ALA B 96 -11.89 -26.57 10.14
CA ALA B 96 -11.19 -26.00 11.30
C ALA B 96 -12.14 -25.38 12.32
N THR B 97 -11.90 -25.66 13.60
CA THR B 97 -12.64 -25.00 14.68
C THR B 97 -11.91 -23.72 15.09
N GLU B 98 -12.54 -22.94 15.97
CA GLU B 98 -11.92 -21.75 16.51
C GLU B 98 -10.58 -22.12 17.12
N LYS B 99 -10.59 -23.22 17.87
CA LYS B 99 -9.39 -23.69 18.55
C LYS B 99 -8.29 -24.03 17.54
N ASP B 100 -8.67 -24.71 16.47
CA ASP B 100 -7.73 -25.08 15.41
C ASP B 100 -7.08 -23.84 14.83
N VAL B 101 -7.88 -22.81 14.59
CA VAL B 101 -7.36 -21.58 14.01
C VAL B 101 -6.34 -20.89 14.93
N MET B 102 -6.66 -20.81 16.22
CA MET B 102 -5.74 -20.24 17.19
C MET B 102 -4.43 -21.01 17.18
N ASN B 103 -4.53 -22.33 17.09
CA ASN B 103 -3.35 -23.19 17.05
C ASN B 103 -2.54 -22.98 15.78
N ALA B 104 -3.24 -22.78 14.66
CA ALA B 104 -2.57 -22.45 13.39
C ALA B 104 -1.84 -21.12 13.48
N VAL B 105 -2.50 -20.11 14.06
CA VAL B 105 -1.85 -18.81 14.23
C VAL B 105 -0.59 -18.93 15.11
N LYS B 106 -0.73 -19.63 16.23
CA LYS B 106 0.38 -19.87 17.13
C LYS B 106 1.52 -20.60 16.44
N ALA B 107 1.18 -21.60 15.64
CA ALA B 107 2.21 -22.34 14.91
C ALA B 107 3.02 -21.39 14.01
N ALA B 108 2.31 -20.50 13.34
CA ALA B 108 2.95 -19.53 12.45
C ALA B 108 3.90 -18.60 13.20
N LYS B 109 3.48 -18.12 14.37
CA LYS B 109 4.33 -17.26 15.19
C LYS B 109 5.57 -18.04 15.67
N ASP B 110 5.35 -19.25 16.18
CA ASP B 110 6.44 -20.10 16.68
C ASP B 110 7.46 -20.49 15.61
N ALA B 111 7.03 -20.55 14.35
CA ALA B 111 7.90 -20.97 13.26
C ALA B 111 8.65 -19.78 12.64
N LYS B 112 8.20 -18.58 12.96
CA LYS B 112 8.64 -17.37 12.28
C LYS B 112 10.15 -17.14 12.33
N LYS B 113 10.70 -17.12 13.55
CA LYS B 113 12.11 -16.76 13.71
C LYS B 113 13.04 -17.73 12.99
N ASP B 114 12.83 -19.03 13.20
CA ASP B 114 13.61 -20.05 12.51
C ASP B 114 13.44 -20.00 10.99
N TRP B 115 12.28 -19.52 10.54
CA TRP B 115 12.02 -19.43 9.11
C TRP B 115 12.76 -18.27 8.45
N TYR B 116 12.64 -17.06 9.02
CA TYR B 116 13.29 -15.93 8.36
C TYR B 116 14.80 -15.94 8.54
N ASN B 117 15.27 -16.74 9.50
CA ASN B 117 16.71 -16.93 9.69
C ASN B 117 17.25 -18.07 8.84
N LEU B 118 16.35 -18.85 8.24
CA LEU B 118 16.79 -19.83 7.26
C LEU B 118 17.24 -19.01 6.05
N PRO B 119 18.48 -19.23 5.57
CA PRO B 119 19.02 -18.44 4.47
C PRO B 119 18.12 -18.51 3.24
N PHE B 120 18.02 -17.39 2.52
CA PHE B 120 17.22 -17.32 1.31
C PHE B 120 17.51 -18.45 0.30
N TYR B 121 18.78 -18.86 0.19
CA TYR B 121 19.14 -19.94 -0.72
C TYR B 121 18.33 -21.21 -0.40
N ASP B 122 18.20 -21.50 0.89
CA ASP B 122 17.50 -22.69 1.35
C ASP B 122 15.97 -22.53 1.30
N ARG B 123 15.45 -21.36 1.65
CA ARG B 123 14.01 -21.10 1.50
C ARG B 123 13.57 -21.28 0.05
N SER B 124 14.36 -20.74 -0.87
CA SER B 124 14.12 -20.87 -2.31
C SER B 124 14.13 -22.31 -2.79
N ALA B 125 15.09 -23.08 -2.28
CA ALA B 125 15.25 -24.47 -2.70
C ALA B 125 13.97 -25.27 -2.45
N ILE B 126 13.29 -24.98 -1.35
CA ILE B 126 12.03 -25.65 -1.05
C ILE B 126 11.00 -25.41 -2.16
N PHE B 127 10.89 -24.17 -2.62
CA PHE B 127 9.89 -23.83 -3.62
C PHE B 127 10.25 -24.29 -5.02
N LEU B 128 11.53 -24.23 -5.37
CA LEU B 128 11.98 -24.79 -6.64
C LEU B 128 11.78 -26.32 -6.65
N LYS B 129 12.04 -26.96 -5.50
CA LYS B 129 11.87 -28.40 -5.39
C LYS B 129 10.40 -28.77 -5.52
N ALA B 130 9.54 -27.95 -4.91
CA ALA B 130 8.09 -28.19 -5.01
C ALA B 130 7.63 -28.09 -6.46
N ALA B 131 8.10 -27.07 -7.17
CA ALA B 131 7.80 -26.90 -8.59
C ALA B 131 8.24 -28.10 -9.43
N ASP B 132 9.45 -28.59 -9.19
CA ASP B 132 9.95 -29.77 -9.90
C ASP B 132 9.18 -31.04 -9.55
N LEU B 133 8.83 -31.21 -8.28
CA LEU B 133 8.06 -32.39 -7.88
C LEU B 133 6.68 -32.41 -8.56
N ILE B 134 6.05 -31.25 -8.64
CA ILE B 134 4.76 -31.13 -9.27
C ILE B 134 4.84 -31.31 -10.79
N SER B 135 5.96 -30.87 -11.38
CA SER B 135 6.16 -31.05 -12.82
C SER B 135 6.55 -32.46 -13.21
N THR B 136 6.97 -33.27 -12.24
CA THR B 136 7.45 -34.61 -12.56
C THR B 136 6.75 -35.70 -11.75
N LYS B 137 7.29 -35.96 -10.56
CA LYS B 137 6.78 -37.01 -9.69
C LYS B 137 5.27 -36.98 -9.54
N TYR B 138 4.72 -35.79 -9.28
CA TYR B 138 3.30 -35.66 -8.95
C TYR B 138 2.47 -35.02 -10.06
N ARG B 139 2.99 -35.06 -11.29
CA ARG B 139 2.34 -34.37 -12.39
C ARG B 139 0.92 -34.87 -12.63
N TYR B 140 0.75 -36.18 -12.73
CA TYR B 140 -0.55 -36.76 -13.04
C TYR B 140 -1.54 -36.68 -11.87
N ASP B 141 -1.04 -36.88 -10.65
CA ASP B 141 -1.89 -36.68 -9.48
C ASP B 141 -2.40 -35.23 -9.40
N MET B 142 -1.50 -34.27 -9.61
CA MET B 142 -1.90 -32.85 -9.55
C MET B 142 -2.89 -32.51 -10.67
N LEU B 143 -2.61 -32.97 -11.89
CA LEU B 143 -3.52 -32.78 -13.00
C LEU B 143 -4.91 -33.35 -12.67
N ALA B 144 -4.93 -34.59 -12.19
CA ALA B 144 -6.19 -35.27 -11.90
C ALA B 144 -6.99 -34.54 -10.82
N ALA B 145 -6.30 -34.11 -9.76
CA ALA B 145 -6.94 -33.42 -8.65
C ALA B 145 -7.58 -32.10 -9.09
N THR B 146 -6.92 -31.41 -10.01
CA THR B 146 -7.40 -30.12 -10.49
C THR B 146 -8.54 -30.29 -11.50
N MET B 147 -8.37 -31.27 -12.39
CA MET B 147 -9.42 -31.61 -13.35
C MET B 147 -10.71 -32.00 -12.62
N LEU B 148 -10.58 -32.95 -11.71
CA LEU B 148 -11.73 -33.53 -11.01
C LEU B 148 -12.41 -32.53 -10.06
N GLY B 149 -11.60 -31.80 -9.30
CA GLY B 149 -12.13 -30.95 -8.26
C GLY B 149 -12.61 -29.61 -8.75
N GLN B 150 -11.89 -29.04 -9.71
CA GLN B 150 -12.19 -27.69 -10.17
C GLN B 150 -12.91 -27.66 -11.51
N GLY B 151 -13.14 -28.83 -12.09
CA GLY B 151 -13.92 -28.95 -13.32
C GLY B 151 -13.20 -28.45 -14.58
N LYS B 152 -11.92 -28.78 -14.67
CA LYS B 152 -11.09 -28.40 -15.83
C LYS B 152 -10.77 -29.60 -16.70
N ASN B 153 -10.67 -29.37 -18.01
CA ASN B 153 -10.16 -30.40 -18.91
C ASN B 153 -8.64 -30.47 -18.75
N VAL B 154 -8.00 -31.40 -19.44
CA VAL B 154 -6.56 -31.63 -19.20
C VAL B 154 -5.67 -30.42 -19.60
N TYR B 155 -6.02 -29.77 -20.70
CA TYR B 155 -5.24 -28.64 -21.16
C TYR B 155 -5.35 -27.45 -20.20
N GLN B 156 -6.57 -27.19 -19.72
CA GLN B 156 -6.77 -26.12 -18.73
C GLN B 156 -6.01 -26.42 -17.45
N ALA B 157 -6.09 -27.68 -17.02
CA ALA B 157 -5.41 -28.13 -15.82
C ALA B 157 -3.90 -27.97 -15.94
N GLU B 158 -3.34 -28.41 -17.06
CA GLU B 158 -1.89 -28.34 -17.28
C GLU B 158 -1.36 -26.90 -17.25
N ILE B 159 -2.03 -26.02 -17.97
CA ILE B 159 -1.62 -24.61 -18.00
C ILE B 159 -1.61 -24.00 -16.60
N ASP B 160 -2.60 -24.39 -15.81
CA ASP B 160 -2.75 -23.89 -14.45
C ASP B 160 -1.78 -24.58 -13.48
N CYS B 161 -2.10 -25.82 -13.13
CA CYS B 161 -1.50 -26.45 -11.95
C CYS B 161 -0.12 -27.02 -12.17
N ILE B 162 0.30 -27.08 -13.42
CA ILE B 162 1.68 -27.48 -13.71
C ILE B 162 2.48 -26.25 -14.13
N THR B 163 2.18 -25.72 -15.31
CA THR B 163 2.94 -24.63 -15.90
C THR B 163 2.95 -23.32 -15.09
N GLU B 164 1.79 -22.70 -14.92
CA GLU B 164 1.71 -21.43 -14.19
C GLU B 164 2.18 -21.52 -12.74
N LEU B 165 1.78 -22.60 -12.06
CA LEU B 165 2.24 -22.85 -10.71
C LEU B 165 3.77 -22.88 -10.64
N SER B 166 4.39 -23.72 -11.46
CA SER B 166 5.85 -23.81 -11.48
C SER B 166 6.49 -22.48 -11.83
N ASP B 167 5.86 -21.75 -12.76
CA ASP B 167 6.36 -20.43 -13.15
C ASP B 167 6.37 -19.42 -11.99
N PHE B 168 5.28 -19.36 -11.22
CA PHE B 168 5.23 -18.49 -10.04
C PHE B 168 6.43 -18.73 -9.11
N PHE B 169 6.68 -20.00 -8.78
CA PHE B 169 7.77 -20.34 -7.86
C PHE B 169 9.14 -19.98 -8.44
N ARG B 170 9.42 -20.43 -9.66
CA ARG B 170 10.69 -20.13 -10.31
C ARG B 170 10.90 -18.63 -10.49
N TYR B 171 9.86 -17.92 -10.94
CA TYR B 171 10.03 -16.49 -11.16
C TYR B 171 10.14 -15.67 -9.87
N TYR B 172 9.40 -16.04 -8.84
CA TYR B 172 9.55 -15.37 -7.56
C TYR B 172 10.95 -15.56 -6.97
N VAL B 173 11.50 -16.76 -7.10
CA VAL B 173 12.87 -16.99 -6.63
C VAL B 173 13.85 -16.05 -7.37
N LYS B 174 13.69 -15.93 -8.68
CA LYS B 174 14.53 -15.00 -9.45
C LYS B 174 14.39 -13.53 -8.99
N TYR B 175 13.15 -13.06 -8.90
CA TYR B 175 12.90 -11.68 -8.46
C TYR B 175 13.40 -11.43 -7.03
N ALA B 176 13.19 -12.41 -6.17
CA ALA B 176 13.60 -12.27 -4.78
C ALA B 176 15.12 -12.20 -4.68
N SER B 177 15.79 -13.01 -5.49
CA SER B 177 17.25 -13.06 -5.49
C SER B 177 17.81 -11.70 -5.87
N ASP B 178 17.14 -11.04 -6.81
CA ASP B 178 17.48 -9.66 -7.20
C ASP B 178 17.25 -8.68 -6.06
N LEU B 179 16.11 -8.79 -5.38
CA LEU B 179 15.80 -7.89 -4.27
C LEU B 179 16.82 -8.01 -3.14
N TYR B 180 17.25 -9.23 -2.85
CA TYR B 180 18.15 -9.46 -1.74
C TYR B 180 19.62 -9.15 -2.07
N ALA B 181 19.90 -8.90 -3.35
CA ALA B 181 21.27 -8.64 -3.76
C ALA B 181 21.61 -7.19 -3.41
N GLN B 182 21.91 -6.97 -2.13
CA GLN B 182 22.25 -5.65 -1.61
C GLN B 182 23.70 -5.70 -1.12
N GLN B 183 24.52 -4.76 -1.56
CA GLN B 183 25.85 -4.66 -0.99
C GLN B 183 25.98 -3.36 -0.20
N PRO B 184 26.74 -3.41 0.90
CA PRO B 184 26.88 -2.21 1.72
C PRO B 184 27.72 -1.19 0.96
N VAL B 185 27.54 0.09 1.26
CA VAL B 185 28.29 1.13 0.54
C VAL B 185 28.75 2.23 1.48
N GLU B 186 29.96 2.73 1.24
CA GLU B 186 30.47 3.86 1.99
C GLU B 186 30.03 5.11 1.25
N SER B 187 29.19 5.93 1.88
CA SER B 187 28.69 7.13 1.24
C SER B 187 29.71 8.25 1.17
N ALA B 188 29.36 9.33 0.48
CA ALA B 188 30.28 10.46 0.28
C ALA B 188 30.72 11.08 1.61
N ASP B 189 29.82 11.12 2.58
CA ASP B 189 30.12 11.70 3.90
C ASP B 189 30.95 10.80 4.81
N GLY B 190 31.28 9.60 4.35
CA GLY B 190 32.10 8.71 5.15
C GLY B 190 31.30 7.66 5.93
N THR B 191 29.97 7.75 5.90
CA THR B 191 29.16 6.76 6.60
C THR B 191 29.09 5.43 5.86
N TRP B 192 28.78 4.36 6.60
CA TRP B 192 28.87 3.01 6.08
C TRP B 192 27.47 2.43 6.21
N ASN B 193 26.86 2.13 5.07
CA ASN B 193 25.42 1.86 4.99
C ASN B 193 25.08 0.49 4.46
N LYS B 194 24.08 -0.14 5.06
CA LYS B 194 23.50 -1.35 4.48
C LYS B 194 21.98 -1.26 4.53
N ALA B 195 21.33 -1.93 3.59
CA ALA B 195 19.88 -1.98 3.59
C ALA B 195 19.48 -3.44 3.63
N GLU B 196 18.46 -3.76 4.40
CA GLU B 196 17.98 -5.12 4.46
C GLU B 196 16.47 -5.18 4.40
N TYR B 197 15.95 -6.24 3.79
CA TYR B 197 14.51 -6.39 3.65
C TYR B 197 14.03 -7.37 4.68
N ARG B 198 13.31 -6.89 5.68
CA ARG B 198 12.79 -7.80 6.70
C ARG B 198 11.39 -8.24 6.29
N PRO B 199 10.95 -9.42 6.77
CA PRO B 199 9.55 -9.79 6.51
C PRO B 199 8.63 -8.89 7.32
N LEU B 200 7.32 -9.04 7.12
CA LEU B 200 6.37 -8.36 7.96
C LEU B 200 6.51 -8.93 9.36
N GLU B 201 6.21 -8.13 10.38
CA GLU B 201 6.34 -8.65 11.74
C GLU B 201 5.22 -9.61 12.10
N GLY B 202 4.02 -9.29 11.66
CA GLY B 202 2.87 -10.15 11.91
C GLY B 202 2.73 -11.25 10.86
N PHE B 203 1.77 -12.15 11.05
CA PHE B 203 1.60 -13.27 10.12
C PHE B 203 0.74 -12.87 8.92
N VAL B 204 0.78 -13.71 7.88
CA VAL B 204 0.04 -13.46 6.66
C VAL B 204 -1.14 -14.45 6.57
N TYR B 205 -2.33 -13.92 6.31
CA TYR B 205 -3.51 -14.75 6.12
C TYR B 205 -3.75 -14.86 4.62
N ALA B 206 -3.57 -16.04 4.07
CA ALA B 206 -3.82 -16.27 2.64
C ALA B 206 -5.22 -16.85 2.45
N VAL B 207 -6.04 -16.18 1.63
CA VAL B 207 -7.38 -16.66 1.28
C VAL B 207 -7.44 -16.87 -0.23
N SER B 208 -7.48 -18.12 -0.65
CA SER B 208 -7.30 -18.47 -2.06
C SER B 208 -8.60 -18.94 -2.71
N PRO B 209 -8.75 -18.71 -4.03
CA PRO B 209 -9.99 -19.03 -4.74
C PRO B 209 -9.96 -20.44 -5.32
N PHE B 210 -11.08 -20.90 -5.87
CA PHE B 210 -11.14 -22.22 -6.46
C PHE B 210 -10.50 -22.27 -7.83
N ASN B 211 -10.42 -21.12 -8.50
CA ASN B 211 -10.32 -21.19 -9.95
C ASN B 211 -8.98 -21.59 -10.54
N PHE B 212 -7.90 -21.34 -9.82
CA PHE B 212 -6.58 -21.76 -10.28
C PHE B 212 -5.79 -22.34 -9.14
N THR B 213 -5.29 -23.55 -9.32
CA THR B 213 -4.43 -24.15 -8.32
C THR B 213 -3.18 -23.27 -8.19
N ALA B 214 -2.71 -22.72 -9.31
CA ALA B 214 -1.51 -21.87 -9.34
C ALA B 214 -1.66 -20.62 -8.47
N ILE B 215 -2.88 -20.11 -8.35
CA ILE B 215 -3.09 -18.88 -7.57
C ILE B 215 -2.95 -19.16 -6.08
N ALA B 216 -3.45 -20.29 -5.63
CA ALA B 216 -3.19 -20.71 -4.26
C ALA B 216 -1.68 -20.76 -4.00
N ALA B 217 -0.91 -21.33 -4.93
CA ALA B 217 0.54 -21.40 -4.78
C ALA B 217 1.17 -20.00 -4.68
N ASN B 218 0.71 -19.10 -5.55
CA ASN B 218 1.18 -17.71 -5.53
C ASN B 218 0.87 -17.02 -4.20
N LEU B 219 -0.35 -17.21 -3.71
CA LEU B 219 -0.80 -16.52 -2.50
C LEU B 219 0.00 -16.93 -1.26
N ILE B 220 0.33 -18.22 -1.16
CA ILE B 220 1.11 -18.67 -0.01
C ILE B 220 2.62 -18.53 -0.24
N GLY B 221 3.06 -18.72 -1.49
CA GLY B 221 4.48 -18.77 -1.78
C GLY B 221 5.19 -17.42 -1.78
N ALA B 222 4.57 -16.40 -2.36
CA ALA B 222 5.14 -15.06 -2.36
C ALA B 222 5.48 -14.57 -0.94
N PRO B 223 4.50 -14.59 0.00
CA PRO B 223 4.90 -14.14 1.34
C PRO B 223 5.90 -15.10 2.02
N ALA B 224 5.70 -16.41 1.91
CA ALA B 224 6.61 -17.34 2.60
C ALA B 224 8.06 -17.19 2.14
N LEU B 225 8.26 -17.01 0.84
CA LEU B 225 9.60 -16.90 0.26
C LEU B 225 10.37 -15.74 0.90
N MET B 226 9.65 -14.67 1.23
CA MET B 226 10.26 -13.46 1.77
C MET B 226 10.44 -13.53 3.29
N GLY B 227 10.27 -14.73 3.85
CA GLY B 227 10.50 -14.93 5.27
C GLY B 227 9.29 -14.76 6.16
N ASN B 228 8.11 -14.68 5.55
CA ASN B 228 6.87 -14.61 6.32
C ASN B 228 6.32 -15.99 6.63
N THR B 229 5.46 -16.08 7.65
CA THR B 229 4.74 -17.32 7.90
C THR B 229 3.25 -17.06 7.70
N VAL B 230 2.51 -18.12 7.41
CA VAL B 230 1.22 -17.99 6.77
C VAL B 230 0.17 -18.91 7.38
N VAL B 231 -1.02 -18.37 7.64
CA VAL B 231 -2.18 -19.22 7.87
C VAL B 231 -3.03 -19.16 6.59
N TRP B 232 -3.40 -20.33 6.08
CA TRP B 232 -3.96 -20.43 4.73
C TRP B 232 -5.31 -21.12 4.75
N LYS B 233 -6.35 -20.41 4.32
CA LYS B 233 -7.66 -21.01 4.16
C LYS B 233 -7.95 -21.22 2.68
N PRO B 234 -7.87 -22.46 2.21
CA PRO B 234 -8.13 -22.73 0.79
C PRO B 234 -9.62 -22.69 0.49
N SER B 235 -9.97 -22.47 -0.77
CA SER B 235 -11.36 -22.63 -1.20
C SER B 235 -11.85 -24.07 -0.95
N GLN B 236 -13.06 -24.20 -0.41
CA GLN B 236 -13.65 -25.52 -0.16
C GLN B 236 -13.63 -26.39 -1.43
N THR B 237 -13.82 -25.75 -2.58
CA THR B 237 -13.98 -26.49 -3.82
C THR B 237 -12.68 -26.64 -4.62
N ALA B 238 -11.54 -26.41 -3.97
CA ALA B 238 -10.24 -26.76 -4.53
C ALA B 238 -9.43 -27.53 -3.50
N ALA B 239 -10.12 -28.13 -2.53
CA ALA B 239 -9.44 -28.73 -1.39
C ALA B 239 -8.48 -29.86 -1.80
N LEU B 240 -8.92 -30.68 -2.75
CA LEU B 240 -8.13 -31.83 -3.17
C LEU B 240 -6.79 -31.39 -3.76
N SER B 241 -6.83 -30.49 -4.74
CA SER B 241 -5.61 -30.03 -5.38
C SER B 241 -4.77 -29.19 -4.42
N ASN B 242 -5.42 -28.40 -3.58
CA ASN B 242 -4.70 -27.54 -2.65
C ASN B 242 -3.99 -28.35 -1.56
N TYR B 243 -4.65 -29.40 -1.10
CA TYR B 243 -4.05 -30.27 -0.10
C TYR B 243 -2.82 -30.97 -0.68
N LEU B 244 -2.92 -31.37 -1.95
CA LEU B 244 -1.79 -31.98 -2.63
C LEU B 244 -0.61 -31.02 -2.64
N LEU B 245 -0.88 -29.76 -2.99
CA LEU B 245 0.14 -28.74 -3.00
C LEU B 245 0.80 -28.61 -1.63
N MET B 246 -0.01 -28.64 -0.57
CA MET B 246 0.52 -28.63 0.79
C MET B 246 1.44 -29.81 1.08
N THR B 247 1.01 -31.02 0.71
CA THR B 247 1.82 -32.22 0.95
C THR B 247 3.13 -32.20 0.15
N VAL B 248 3.08 -31.69 -1.08
CA VAL B 248 4.28 -31.51 -1.89
C VAL B 248 5.29 -30.54 -1.26
N LEU B 249 4.81 -29.39 -0.78
CA LEU B 249 5.66 -28.46 -0.05
C LEU B 249 6.34 -29.11 1.15
N GLU B 250 5.57 -29.90 1.90
CA GLU B 250 6.15 -30.63 3.04
C GLU B 250 7.21 -31.62 2.58
N GLU B 251 6.94 -32.35 1.49
CA GLU B 251 7.94 -33.27 0.95
C GLU B 251 9.20 -32.51 0.48
N ALA B 252 9.00 -31.30 -0.04
CA ALA B 252 10.10 -30.47 -0.55
C ALA B 252 10.93 -29.88 0.58
N GLY B 253 10.51 -30.10 1.82
CA GLY B 253 11.25 -29.65 2.98
C GLY B 253 10.72 -28.41 3.70
N LEU B 254 9.48 -28.02 3.44
CA LEU B 254 8.91 -26.86 4.16
C LEU B 254 8.88 -27.14 5.66
N PRO B 255 9.48 -26.25 6.48
CA PRO B 255 9.47 -26.51 7.92
C PRO B 255 8.07 -26.41 8.53
N LYS B 256 7.84 -27.14 9.61
CA LYS B 256 6.53 -27.14 10.26
C LYS B 256 6.09 -25.74 10.67
N GLY B 257 4.81 -25.45 10.47
CA GLY B 257 4.25 -24.19 10.94
C GLY B 257 4.49 -22.99 10.03
N VAL B 258 5.33 -23.15 9.01
CA VAL B 258 5.63 -22.02 8.13
C VAL B 258 4.40 -21.69 7.28
N ILE B 259 3.71 -22.73 6.84
CA ILE B 259 2.42 -22.57 6.20
C ILE B 259 1.47 -23.53 6.88
N ASN B 260 0.28 -23.04 7.19
CA ASN B 260 -0.71 -23.83 7.88
C ASN B 260 -2.01 -23.87 7.10
N PHE B 261 -2.48 -25.10 6.85
CA PHE B 261 -3.58 -25.39 5.93
C PHE B 261 -4.83 -25.57 6.76
N ILE B 262 -5.71 -24.56 6.74
CA ILE B 262 -6.89 -24.60 7.59
C ILE B 262 -8.21 -24.37 6.83
N PRO B 263 -8.62 -25.36 6.03
CA PRO B 263 -9.96 -25.27 5.44
C PRO B 263 -11.02 -25.22 6.53
N GLY B 264 -12.13 -24.53 6.29
CA GLY B 264 -13.22 -24.48 7.24
C GLY B 264 -14.29 -23.53 6.76
N ASP B 265 -15.33 -23.32 7.59
CA ASP B 265 -16.36 -22.36 7.25
C ASP B 265 -15.71 -20.99 7.06
N PRO B 266 -15.97 -20.35 5.91
CA PRO B 266 -15.28 -19.09 5.58
C PRO B 266 -15.45 -18.02 6.64
N VAL B 267 -16.67 -17.78 7.10
CA VAL B 267 -16.89 -16.74 8.10
C VAL B 267 -16.24 -17.08 9.45
N GLN B 268 -16.44 -18.32 9.91
CA GLN B 268 -15.90 -18.77 11.19
C GLN B 268 -14.37 -18.71 11.25
N VAL B 269 -13.71 -19.20 10.21
CA VAL B 269 -12.26 -19.22 10.18
C VAL B 269 -11.73 -17.77 10.11
N THR B 270 -12.29 -16.99 9.20
CA THR B 270 -11.87 -15.61 8.98
C THR B 270 -12.01 -14.73 10.23
N ASP B 271 -13.14 -14.84 10.93
CA ASP B 271 -13.37 -14.06 12.14
C ASP B 271 -12.33 -14.37 13.21
N GLN B 272 -11.93 -15.63 13.33
CA GLN B 272 -10.96 -16.02 14.33
C GLN B 272 -9.51 -15.62 13.98
N VAL B 273 -9.16 -15.73 12.69
CA VAL B 273 -7.86 -15.25 12.22
C VAL B 273 -7.73 -13.76 12.50
N LEU B 274 -8.77 -13.00 12.14
CA LEU B 274 -8.74 -11.55 12.30
C LEU B 274 -8.84 -11.08 13.76
N ALA B 275 -9.06 -12.00 14.69
CA ALA B 275 -9.12 -11.64 16.10
C ALA B 275 -7.73 -11.51 16.72
N ASP B 276 -6.70 -12.02 16.06
CA ASP B 276 -5.37 -12.05 16.65
C ASP B 276 -4.60 -10.75 16.43
N LYS B 277 -4.01 -10.24 17.51
CA LYS B 277 -3.31 -8.96 17.50
C LYS B 277 -2.12 -8.95 16.55
N ASP B 278 -1.58 -10.12 16.23
CA ASP B 278 -0.42 -10.23 15.36
C ASP B 278 -0.74 -10.39 13.86
N PHE B 279 -2.01 -10.21 13.47
CA PHE B 279 -2.39 -10.26 12.06
C PHE B 279 -1.64 -9.18 11.26
N GLY B 280 -0.81 -9.60 10.31
CA GLY B 280 0.05 -8.67 9.61
C GLY B 280 -0.39 -8.30 8.20
N ALA B 281 -1.05 -9.24 7.51
CA ALA B 281 -1.45 -9.00 6.13
C ALA B 281 -2.49 -9.99 5.63
N LEU B 282 -3.37 -9.50 4.74
CA LEU B 282 -4.28 -10.36 3.98
C LEU B 282 -3.73 -10.49 2.58
N HIS B 283 -3.59 -11.72 2.10
CA HIS B 283 -3.24 -11.95 0.71
C HIS B 283 -4.41 -12.71 0.07
N PHE B 284 -5.14 -12.04 -0.83
CA PHE B 284 -6.45 -12.50 -1.26
C PHE B 284 -6.61 -12.44 -2.77
N THR B 285 -7.25 -13.46 -3.34
CA THR B 285 -7.75 -13.37 -4.70
C THR B 285 -9.13 -14.03 -4.72
N GLY B 286 -10.12 -13.34 -5.28
CA GLY B 286 -11.48 -13.83 -5.24
C GLY B 286 -12.46 -12.73 -5.59
N SER B 287 -13.73 -12.94 -5.25
CA SER B 287 -14.79 -12.03 -5.67
C SER B 287 -14.75 -10.69 -4.94
N THR B 288 -15.32 -9.68 -5.58
CA THR B 288 -15.42 -8.35 -5.03
C THR B 288 -16.15 -8.35 -3.70
N ASN B 289 -17.26 -9.08 -3.63
CA ASN B 289 -18.07 -9.03 -2.43
C ASN B 289 -17.40 -9.66 -1.20
N VAL B 290 -16.66 -10.74 -1.44
CA VAL B 290 -15.90 -11.36 -0.36
C VAL B 290 -14.76 -10.42 0.09
N PHE B 291 -14.09 -9.80 -0.87
CA PHE B 291 -13.02 -8.86 -0.54
C PHE B 291 -13.54 -7.72 0.32
N LYS B 292 -14.67 -7.14 -0.09
CA LYS B 292 -15.26 -6.03 0.64
C LYS B 292 -15.58 -6.41 2.08
N SER B 293 -16.08 -7.63 2.28
CA SER B 293 -16.35 -8.12 3.62
C SER B 293 -15.07 -8.22 4.46
N LEU B 294 -14.05 -8.83 3.88
CA LEU B 294 -12.74 -8.96 4.54
C LEU B 294 -12.18 -7.59 4.88
N TYR B 295 -12.23 -6.69 3.92
CA TYR B 295 -11.72 -5.32 4.08
C TYR B 295 -12.36 -4.62 5.27
N GLY B 296 -13.69 -4.59 5.29
CA GLY B 296 -14.43 -3.98 6.39
C GLY B 296 -14.18 -4.60 7.75
N LYS B 297 -14.01 -5.92 7.79
CA LYS B 297 -13.67 -6.59 9.03
C LYS B 297 -12.28 -6.17 9.52
N ILE B 298 -11.33 -6.07 8.60
CA ILE B 298 -9.99 -5.67 8.97
C ILE B 298 -9.96 -4.24 9.50
N GLN B 299 -10.56 -3.31 8.74
CA GLN B 299 -10.54 -1.89 9.11
C GLN B 299 -11.22 -1.66 10.44
N SER B 300 -12.28 -2.43 10.68
CA SER B 300 -12.99 -2.38 11.95
C SER B 300 -12.00 -2.64 13.10
N GLY B 301 -11.22 -3.72 12.97
CA GLY B 301 -10.21 -4.03 13.96
C GLY B 301 -9.15 -2.94 14.07
N VAL B 302 -8.71 -2.42 12.93
CA VAL B 302 -7.68 -1.39 12.92
C VAL B 302 -8.09 -0.17 13.73
N VAL B 303 -9.25 0.38 13.41
CA VAL B 303 -9.70 1.61 14.06
C VAL B 303 -10.01 1.40 15.53
N GLU B 304 -10.36 0.19 15.94
CA GLU B 304 -10.59 -0.07 17.36
C GLU B 304 -9.38 -0.69 18.06
N GLY B 305 -8.23 -0.67 17.38
CA GLY B 305 -6.95 -0.96 18.01
C GLY B 305 -6.61 -2.40 18.31
N LYS B 306 -7.20 -3.33 17.56
CA LYS B 306 -6.98 -4.75 17.79
C LYS B 306 -5.55 -5.17 17.42
N TYR B 307 -4.95 -4.45 16.48
CA TYR B 307 -3.71 -4.91 15.86
C TYR B 307 -2.46 -4.16 16.32
N ARG B 308 -1.37 -4.92 16.45
CA ARG B 308 -0.06 -4.36 16.80
C ARG B 308 0.43 -3.41 15.73
N ASP B 309 0.15 -3.75 14.46
CA ASP B 309 0.59 -2.94 13.32
C ASP B 309 -0.59 -2.63 12.41
N TYR B 310 -0.38 -1.74 11.44
CA TYR B 310 -1.37 -1.57 10.37
C TYR B 310 -1.23 -2.74 9.42
N PRO B 311 -2.27 -3.58 9.32
CA PRO B 311 -2.17 -4.72 8.44
C PRO B 311 -2.12 -4.30 6.99
N ARG B 312 -1.36 -5.03 6.17
CA ARG B 312 -1.34 -4.78 4.74
C ARG B 312 -2.43 -5.61 4.08
N ILE B 313 -3.07 -5.04 3.07
CA ILE B 313 -4.12 -5.75 2.37
C ILE B 313 -3.73 -5.85 0.91
N ILE B 314 -3.49 -7.08 0.46
CA ILE B 314 -3.08 -7.29 -0.93
C ILE B 314 -4.14 -8.15 -1.60
N GLY B 315 -5.05 -7.51 -2.31
CA GLY B 315 -6.14 -8.23 -2.94
C GLY B 315 -6.29 -8.00 -4.43
N GLU B 316 -6.80 -9.03 -5.13
CA GLU B 316 -7.13 -8.95 -6.54
C GLU B 316 -8.54 -9.53 -6.72
N THR B 317 -9.42 -8.79 -7.40
CA THR B 317 -10.82 -9.19 -7.48
C THR B 317 -11.40 -9.35 -8.89
N GLY B 318 -10.61 -9.02 -9.91
CA GLY B 318 -11.17 -9.02 -11.25
C GLY B 318 -12.29 -7.99 -11.35
N GLY B 319 -13.12 -8.10 -12.37
CA GLY B 319 -14.10 -7.06 -12.63
C GLY B 319 -14.89 -7.39 -13.86
N LYS B 320 -15.54 -6.39 -14.45
CA LYS B 320 -16.38 -6.63 -15.63
C LYS B 320 -15.56 -6.27 -16.86
N ASN B 321 -14.80 -7.23 -17.36
CA ASN B 321 -13.83 -6.96 -18.41
C ASN B 321 -14.48 -6.82 -19.79
N PHE B 322 -13.94 -5.96 -20.65
CA PHE B 322 -14.59 -5.65 -21.92
C PHE B 322 -13.80 -5.99 -23.18
N HIS B 323 -14.54 -6.34 -24.23
CA HIS B 323 -14.03 -6.35 -25.59
C HIS B 323 -14.76 -5.26 -26.37
N LEU B 324 -13.98 -4.38 -26.99
CA LEU B 324 -14.52 -3.29 -27.81
C LEU B 324 -14.18 -3.52 -29.27
N VAL B 325 -15.18 -3.65 -30.14
CA VAL B 325 -14.89 -3.90 -31.55
C VAL B 325 -15.09 -2.63 -32.38
N HIS B 326 -14.03 -2.23 -33.09
CA HIS B 326 -14.08 -1.10 -34.00
C HIS B 326 -14.49 -1.60 -35.40
N PRO B 327 -15.23 -0.77 -36.17
CA PRO B 327 -15.71 -1.20 -37.48
C PRO B 327 -14.61 -1.73 -38.41
N SER B 328 -13.37 -1.31 -38.19
CA SER B 328 -12.25 -1.74 -39.03
C SER B 328 -11.64 -3.08 -38.61
N ALA B 329 -12.19 -3.71 -37.57
CA ALA B 329 -11.61 -4.95 -37.04
C ALA B 329 -11.67 -6.12 -38.01
N ASN B 330 -10.71 -7.03 -37.91
CA ASN B 330 -10.86 -8.33 -38.54
C ASN B 330 -11.93 -9.07 -37.73
N ILE B 331 -13.13 -9.18 -38.30
CA ILE B 331 -14.28 -9.69 -37.56
C ILE B 331 -14.12 -11.14 -37.10
N SER B 332 -13.61 -12.00 -37.98
CA SER B 332 -13.42 -13.41 -37.65
C SER B 332 -12.51 -13.59 -36.44
N HIS B 333 -11.40 -12.86 -36.44
CA HIS B 333 -10.45 -12.90 -35.34
C HIS B 333 -11.08 -12.38 -34.05
N ALA B 334 -11.86 -11.32 -34.15
CA ALA B 334 -12.49 -10.74 -32.96
C ALA B 334 -13.53 -11.70 -32.40
N VAL B 335 -14.23 -12.41 -33.28
CA VAL B 335 -15.22 -13.38 -32.86
C VAL B 335 -14.58 -14.51 -32.07
N LEU B 336 -13.53 -15.09 -32.65
CA LEU B 336 -12.85 -16.21 -32.02
C LEU B 336 -12.21 -15.82 -30.69
N SER B 337 -11.59 -14.65 -30.67
CA SER B 337 -11.00 -14.10 -29.45
C SER B 337 -12.05 -13.86 -28.37
N THR B 338 -13.24 -13.44 -28.77
CA THR B 338 -14.31 -13.17 -27.82
C THR B 338 -14.88 -14.48 -27.25
N ILE B 339 -14.97 -15.50 -28.09
CA ILE B 339 -15.41 -16.82 -27.61
C ILE B 339 -14.45 -17.36 -26.56
N ARG B 340 -13.15 -17.34 -26.86
CA ARG B 340 -12.16 -17.83 -25.92
C ARG B 340 -12.15 -16.96 -24.66
N GLY B 341 -12.21 -15.64 -24.84
CA GLY B 341 -12.11 -14.72 -23.71
C GLY B 341 -13.28 -14.82 -22.76
N THR B 342 -14.47 -15.11 -23.30
CA THR B 342 -15.70 -15.11 -22.51
C THR B 342 -16.00 -16.50 -21.92
N PHE B 343 -15.83 -17.53 -22.75
CA PHE B 343 -16.38 -18.84 -22.42
C PHE B 343 -15.39 -19.89 -21.93
N GLU B 344 -14.09 -19.64 -22.13
CA GLU B 344 -13.09 -20.61 -21.71
C GLU B 344 -13.14 -20.73 -20.19
N PHE B 345 -13.13 -21.98 -19.72
CA PHE B 345 -13.32 -22.29 -18.29
C PHE B 345 -14.59 -21.62 -17.73
N GLN B 346 -15.61 -21.55 -18.57
CA GLN B 346 -16.94 -21.09 -18.16
C GLN B 346 -16.91 -19.65 -17.67
N GLY B 347 -15.91 -18.87 -18.11
CA GLY B 347 -15.79 -17.48 -17.72
C GLY B 347 -15.31 -17.31 -16.29
N GLN B 348 -14.79 -18.37 -15.69
CA GLN B 348 -14.42 -18.34 -14.28
C GLN B 348 -12.97 -17.85 -14.09
N LYS B 349 -12.65 -16.76 -14.76
CA LYS B 349 -11.33 -16.15 -14.64
C LYS B 349 -11.49 -14.72 -14.21
N CYS B 350 -10.58 -14.21 -13.39
CA CYS B 350 -10.63 -12.81 -12.99
C CYS B 350 -10.61 -11.90 -14.22
N SER B 351 -9.90 -12.34 -15.25
CA SER B 351 -9.72 -11.54 -16.47
C SER B 351 -10.72 -11.84 -17.59
N ALA B 352 -11.72 -12.68 -17.32
CA ALA B 352 -12.64 -13.10 -18.39
C ALA B 352 -13.41 -11.91 -18.98
N ALA B 353 -13.56 -11.91 -20.29
CA ALA B 353 -14.43 -10.94 -20.95
C ALA B 353 -15.89 -11.23 -20.60
N SER B 354 -16.68 -10.19 -20.31
CA SER B 354 -18.10 -10.42 -20.06
C SER B 354 -19.02 -9.37 -20.66
N ARG B 355 -18.45 -8.29 -21.18
CA ARG B 355 -19.23 -7.31 -21.93
C ARG B 355 -18.56 -7.03 -23.27
N LEU B 356 -19.38 -6.83 -24.30
CA LEU B 356 -18.91 -6.67 -25.66
C LEU B 356 -19.61 -5.47 -26.31
N TYR B 357 -18.82 -4.62 -26.96
CA TYR B 357 -19.37 -3.47 -27.68
C TYR B 357 -19.15 -3.66 -29.18
N LEU B 358 -20.23 -3.73 -29.95
CA LEU B 358 -20.17 -4.01 -31.38
C LEU B 358 -20.70 -2.83 -32.19
N PRO B 359 -20.02 -2.49 -33.30
CA PRO B 359 -20.57 -1.45 -34.17
C PRO B 359 -21.77 -2.01 -34.93
N GLU B 360 -22.79 -1.18 -35.13
CA GLU B 360 -24.01 -1.65 -35.80
C GLU B 360 -23.80 -2.28 -37.17
N SER B 361 -22.89 -1.73 -37.96
CA SER B 361 -22.70 -2.20 -39.32
C SER B 361 -22.03 -3.57 -39.39
N LYS B 362 -21.55 -4.06 -38.24
CA LYS B 362 -20.82 -5.31 -38.19
C LYS B 362 -21.47 -6.33 -37.26
N SER B 363 -22.56 -5.93 -36.62
CA SER B 363 -23.21 -6.75 -35.58
C SER B 363 -23.69 -8.10 -36.08
N GLU B 364 -24.48 -8.06 -37.16
CA GLU B 364 -25.04 -9.28 -37.72
C GLU B 364 -23.94 -10.26 -38.12
N GLU B 365 -22.94 -9.77 -38.85
CA GLU B 365 -21.85 -10.64 -39.28
C GLU B 365 -21.08 -11.23 -38.09
N PHE B 366 -20.73 -10.38 -37.13
CA PHE B 366 -20.05 -10.84 -35.91
C PHE B 366 -20.90 -11.92 -35.20
N LEU B 367 -22.14 -11.57 -34.90
CA LEU B 367 -22.98 -12.43 -34.08
C LEU B 367 -23.34 -13.75 -34.77
N SER B 368 -23.63 -13.70 -36.07
CA SER B 368 -23.97 -14.93 -36.79
C SER B 368 -22.76 -15.85 -36.90
N ASP B 369 -21.59 -15.26 -37.12
CA ASP B 369 -20.33 -16.02 -37.08
C ASP B 369 -20.15 -16.70 -35.73
N MET B 370 -20.31 -15.93 -34.66
CA MET B 370 -20.13 -16.46 -33.31
C MET B 370 -21.13 -17.58 -33.00
N PHE B 371 -22.40 -17.36 -33.35
CA PHE B 371 -23.44 -18.34 -33.05
C PHE B 371 -23.24 -19.64 -33.84
N GLY B 372 -22.73 -19.51 -35.06
CA GLY B 372 -22.40 -20.67 -35.88
C GLY B 372 -21.30 -21.51 -35.26
N ILE B 373 -20.27 -20.84 -34.72
CA ILE B 373 -19.14 -21.55 -34.12
C ILE B 373 -19.57 -22.25 -32.82
N LEU B 374 -20.36 -21.55 -32.00
CA LEU B 374 -20.82 -22.14 -30.75
C LEU B 374 -21.75 -23.34 -31.00
N GLN B 375 -22.68 -23.20 -31.93
CA GLN B 375 -23.63 -24.29 -32.24
C GLN B 375 -22.92 -25.55 -32.75
N SER B 376 -21.82 -25.36 -33.45
CA SER B 376 -21.09 -26.50 -34.02
C SER B 376 -20.28 -27.27 -32.97
N GLN B 377 -20.13 -26.70 -31.77
CA GLN B 377 -19.41 -27.36 -30.69
C GLN B 377 -20.25 -28.47 -30.05
N SER B 390 -10.98 -37.00 -19.17
CA SER B 390 -11.90 -35.99 -18.67
C SER B 390 -12.43 -36.32 -17.26
N GLY B 391 -12.62 -35.28 -16.45
CA GLY B 391 -13.26 -35.44 -15.16
C GLY B 391 -14.76 -35.58 -15.30
N GLY B 392 -15.27 -35.26 -16.50
CA GLY B 392 -16.70 -35.32 -16.80
C GLY B 392 -17.18 -34.19 -17.71
N ASN B 393 -18.18 -34.49 -18.54
CA ASN B 393 -18.69 -33.52 -19.52
C ASN B 393 -20.15 -33.80 -19.90
N LEU B 394 -20.72 -32.93 -20.74
CA LEU B 394 -22.11 -33.08 -21.19
C LEU B 394 -22.38 -32.23 -22.45
N ARG B 395 -23.03 -32.83 -23.44
CA ARG B 395 -23.18 -32.20 -24.76
C ARG B 395 -23.88 -30.85 -24.72
N GLY B 396 -23.30 -29.86 -25.42
CA GLY B 396 -23.80 -28.50 -25.44
C GLY B 396 -23.15 -27.61 -24.40
N PHE B 397 -22.19 -28.16 -23.66
CA PHE B 397 -21.53 -27.45 -22.58
C PHE B 397 -20.02 -27.63 -22.72
N MET B 398 -19.27 -26.55 -22.49
CA MET B 398 -17.80 -26.63 -22.59
C MET B 398 -17.17 -27.22 -21.34
N GLY B 399 -17.93 -27.26 -20.25
CA GLY B 399 -17.44 -27.68 -18.95
C GLY B 399 -18.40 -27.16 -17.90
N PRO B 400 -18.26 -27.63 -16.65
CA PRO B 400 -19.18 -27.20 -15.59
C PRO B 400 -18.74 -25.93 -14.90
N VAL B 401 -19.67 -25.28 -14.19
CA VAL B 401 -19.25 -24.24 -13.24
C VAL B 401 -18.96 -24.93 -11.91
N ILE B 402 -18.39 -24.21 -10.96
CA ILE B 402 -17.73 -24.82 -9.81
C ILE B 402 -18.67 -25.48 -8.78
N HIS B 403 -19.82 -24.86 -8.53
CA HIS B 403 -20.75 -25.40 -7.52
C HIS B 403 -22.21 -25.01 -7.74
N GLU B 404 -23.08 -25.57 -6.91
CA GLU B 404 -24.51 -25.35 -7.04
C GLU B 404 -24.89 -23.88 -6.85
N GLN B 405 -24.18 -23.22 -5.95
CA GLN B 405 -24.47 -21.80 -5.67
C GLN B 405 -24.23 -20.94 -6.91
N SER B 406 -23.11 -21.18 -7.59
CA SER B 406 -22.83 -20.48 -8.85
C SER B 406 -23.87 -20.85 -9.91
N PHE B 407 -24.19 -22.15 -10.00
CA PHE B 407 -25.20 -22.63 -10.94
C PHE B 407 -26.53 -21.91 -10.74
N ASP B 408 -26.99 -21.88 -9.49
CA ASP B 408 -28.26 -21.23 -9.15
C ASP B 408 -28.22 -19.72 -9.46
N LYS B 409 -27.09 -19.08 -9.19
CA LYS B 409 -26.92 -17.65 -9.51
C LYS B 409 -27.08 -17.42 -11.01
N LEU B 410 -26.41 -18.25 -11.81
CA LEU B 410 -26.45 -18.10 -13.26
C LEU B 410 -27.84 -18.40 -13.83
N VAL B 411 -28.53 -19.36 -13.23
CA VAL B 411 -29.90 -19.64 -13.64
C VAL B 411 -30.77 -18.39 -13.44
N LYS B 412 -30.60 -17.74 -12.30
CA LYS B 412 -31.33 -16.50 -12.03
C LYS B 412 -31.01 -15.44 -13.09
N VAL B 413 -29.72 -15.30 -13.41
CA VAL B 413 -29.29 -14.35 -14.44
C VAL B 413 -29.98 -14.60 -15.78
N ILE B 414 -30.05 -15.87 -16.17
CA ILE B 414 -30.70 -16.25 -17.42
C ILE B 414 -32.22 -16.06 -17.36
N GLU B 415 -32.84 -16.51 -16.27
CA GLU B 415 -34.30 -16.41 -16.14
C GLU B 415 -34.77 -14.96 -15.97
N ASP B 416 -33.99 -14.16 -15.25
CA ASP B 416 -34.27 -12.73 -15.13
C ASP B 416 -34.19 -12.04 -16.50
N ALA B 417 -33.25 -12.46 -17.33
CA ALA B 417 -33.09 -11.85 -18.65
C ALA B 417 -34.30 -12.11 -19.53
N LYS B 418 -34.94 -13.27 -19.35
CA LYS B 418 -36.09 -13.64 -20.17
C LYS B 418 -37.27 -12.71 -19.90
N LYS B 419 -37.29 -12.13 -18.70
CA LYS B 419 -38.43 -11.31 -18.29
C LYS B 419 -38.13 -9.81 -18.35
N ASP B 420 -36.90 -9.46 -18.74
CA ASP B 420 -36.50 -8.06 -18.87
C ASP B 420 -36.71 -7.57 -20.30
N PRO B 421 -37.58 -6.58 -20.48
CA PRO B 421 -37.87 -6.05 -21.81
C PRO B 421 -36.68 -5.28 -22.40
N GLU B 422 -35.75 -4.86 -21.54
CA GLU B 422 -34.55 -4.15 -21.99
C GLU B 422 -33.42 -5.11 -22.35
N LEU B 423 -33.67 -6.41 -22.15
CA LEU B 423 -32.70 -7.44 -22.51
C LEU B 423 -33.30 -8.40 -23.53
N GLU B 424 -32.42 -9.06 -24.27
CA GLU B 424 -32.84 -10.08 -25.21
C GLU B 424 -31.77 -11.17 -25.31
N ILE B 425 -32.14 -12.40 -25.03
CA ILE B 425 -31.19 -13.51 -25.17
C ILE B 425 -31.07 -13.85 -26.64
N LEU B 426 -29.87 -13.65 -27.20
CA LEU B 426 -29.63 -13.89 -28.61
C LEU B 426 -29.19 -15.33 -28.88
N TYR B 427 -28.56 -15.94 -27.88
CA TYR B 427 -28.09 -17.31 -28.03
C TYR B 427 -27.97 -17.98 -26.68
N GLY B 428 -28.35 -19.26 -26.63
CA GLY B 428 -27.98 -20.10 -25.51
C GLY B 428 -28.91 -20.04 -24.32
N GLY B 429 -28.33 -19.84 -23.14
CA GLY B 429 -29.10 -19.88 -21.92
C GLY B 429 -29.49 -21.29 -21.47
N GLN B 430 -28.87 -22.31 -22.03
CA GLN B 430 -29.16 -23.69 -21.63
C GLN B 430 -28.49 -24.02 -20.30
N TYR B 431 -29.16 -24.81 -19.47
CA TYR B 431 -28.59 -25.27 -18.21
C TYR B 431 -29.18 -26.61 -17.76
N ASP B 432 -28.39 -27.35 -16.99
CA ASP B 432 -28.77 -28.71 -16.59
C ASP B 432 -27.95 -29.07 -15.36
N LYS B 433 -28.63 -29.42 -14.27
CA LYS B 433 -27.94 -29.78 -13.04
C LYS B 433 -28.16 -31.24 -12.66
N SER B 434 -28.80 -32.00 -13.57
CA SER B 434 -29.09 -33.41 -13.31
C SER B 434 -27.83 -34.25 -13.08
N GLN B 435 -26.72 -33.84 -13.66
CA GLN B 435 -25.46 -34.60 -13.55
C GLN B 435 -24.33 -33.76 -12.97
N GLY B 436 -24.17 -32.55 -13.50
CA GLY B 436 -23.15 -31.64 -13.02
C GLY B 436 -23.68 -30.23 -13.12
N TRP B 437 -22.88 -29.25 -12.72
CA TRP B 437 -23.32 -27.86 -12.77
C TRP B 437 -23.05 -27.28 -14.14
N PHE B 438 -23.90 -27.64 -15.09
CA PHE B 438 -23.69 -27.26 -16.48
C PHE B 438 -24.57 -26.10 -16.96
N VAL B 439 -23.90 -25.00 -17.32
CA VAL B 439 -24.53 -23.81 -17.89
C VAL B 439 -23.85 -23.56 -19.23
N GLY B 440 -24.65 -23.39 -20.28
CA GLY B 440 -24.13 -23.22 -21.62
C GLY B 440 -23.71 -21.80 -21.94
N PRO B 441 -22.94 -21.62 -23.02
CA PRO B 441 -22.56 -20.28 -23.47
C PRO B 441 -23.82 -19.48 -23.74
N THR B 442 -23.87 -18.25 -23.25
CA THR B 442 -25.09 -17.44 -23.33
C THR B 442 -24.74 -16.02 -23.77
N VAL B 443 -25.48 -15.50 -24.75
CA VAL B 443 -25.25 -14.15 -25.25
C VAL B 443 -26.51 -13.29 -25.16
N ILE B 444 -26.42 -12.19 -24.43
CA ILE B 444 -27.59 -11.37 -24.11
C ILE B 444 -27.38 -9.94 -24.60
N LYS B 445 -28.31 -9.45 -25.40
CA LYS B 445 -28.21 -8.09 -25.92
C LYS B 445 -28.93 -7.12 -25.00
N ALA B 446 -28.23 -6.05 -24.62
CA ALA B 446 -28.81 -5.01 -23.78
C ALA B 446 -29.20 -3.81 -24.65
N LYS B 447 -30.31 -3.17 -24.32
CA LYS B 447 -30.84 -2.09 -25.13
C LYS B 447 -30.08 -0.79 -24.86
N ARG B 448 -29.59 -0.65 -23.63
CA ARG B 448 -28.79 0.51 -23.27
C ARG B 448 -27.47 0.08 -22.64
N PRO B 449 -26.42 0.90 -22.81
CA PRO B 449 -25.09 0.49 -22.37
C PRO B 449 -24.94 0.55 -20.86
N ASP B 450 -25.89 1.17 -20.18
CA ASP B 450 -25.81 1.31 -18.73
C ASP B 450 -26.73 0.33 -17.97
N HIS B 451 -27.38 -0.57 -18.70
CA HIS B 451 -28.12 -1.66 -18.06
C HIS B 451 -27.21 -2.39 -17.07
N PRO B 452 -27.77 -2.80 -15.91
CA PRO B 452 -27.03 -3.53 -14.87
C PRO B 452 -26.25 -4.75 -15.40
N TYR B 453 -26.73 -5.39 -16.46
CA TYR B 453 -26.04 -6.55 -17.02
C TYR B 453 -24.68 -6.18 -17.64
N MET B 454 -24.48 -4.90 -17.95
CA MET B 454 -23.20 -4.43 -18.46
C MET B 454 -22.19 -4.18 -17.35
N SER B 455 -22.60 -4.30 -16.09
CA SER B 455 -21.70 -4.01 -14.98
C SER B 455 -21.68 -5.06 -13.87
N THR B 456 -22.74 -5.86 -13.75
CA THR B 456 -22.80 -6.89 -12.72
C THR B 456 -21.93 -8.10 -13.11
N GLU B 457 -21.02 -8.49 -12.22
CA GLU B 457 -20.18 -9.67 -12.47
C GLU B 457 -20.97 -10.96 -12.21
N PHE B 458 -21.01 -11.82 -13.23
CA PHE B 458 -21.77 -13.06 -13.15
C PHE B 458 -20.90 -14.30 -12.86
N PHE B 459 -19.59 -14.18 -13.10
CA PHE B 459 -18.66 -15.30 -12.91
C PHE B 459 -19.19 -16.56 -13.61
N GLY B 460 -19.45 -16.47 -14.90
CA GLY B 460 -20.02 -17.58 -15.65
C GLY B 460 -19.93 -17.29 -17.13
N PRO B 461 -20.39 -18.25 -17.95
CA PRO B 461 -20.27 -18.15 -19.41
C PRO B 461 -21.38 -17.28 -20.02
N ILE B 462 -21.47 -16.04 -19.56
CA ILE B 462 -22.54 -15.14 -19.97
C ILE B 462 -21.95 -13.84 -20.51
N LEU B 463 -22.28 -13.54 -21.76
CA LEU B 463 -21.77 -12.36 -22.44
C LEU B 463 -22.90 -11.38 -22.65
N THR B 464 -22.70 -10.13 -22.23
CA THR B 464 -23.69 -9.08 -22.50
C THR B 464 -23.14 -8.21 -23.61
N VAL B 465 -23.95 -7.95 -24.62
CA VAL B 465 -23.50 -7.19 -25.79
C VAL B 465 -24.33 -5.93 -25.99
N TYR B 466 -23.65 -4.82 -26.26
CA TYR B 466 -24.29 -3.58 -26.64
C TYR B 466 -23.82 -3.18 -28.02
N GLU B 467 -24.75 -2.78 -28.86
CA GLU B 467 -24.46 -2.35 -30.22
C GLU B 467 -24.55 -0.84 -30.34
N TYR B 468 -23.45 -0.21 -30.76
CA TYR B 468 -23.38 1.24 -30.87
C TYR B 468 -23.32 1.62 -32.36
N PRO B 469 -23.89 2.77 -32.72
CA PRO B 469 -23.82 3.18 -34.12
C PRO B 469 -22.38 3.53 -34.47
N ASP B 470 -21.92 3.09 -35.64
CA ASP B 470 -20.52 3.19 -36.04
C ASP B 470 -19.88 4.56 -35.78
N THR B 471 -20.62 5.62 -36.10
CA THR B 471 -20.11 6.98 -35.99
C THR B 471 -19.90 7.43 -34.54
N GLU B 472 -20.39 6.64 -33.60
CA GLU B 472 -20.27 7.00 -32.19
C GLU B 472 -19.20 6.19 -31.46
N PHE B 473 -18.18 5.74 -32.18
CA PHE B 473 -17.07 5.01 -31.58
C PHE B 473 -16.44 5.80 -30.45
N ASN B 474 -16.12 7.06 -30.72
CA ASN B 474 -15.51 7.90 -29.70
C ASN B 474 -16.39 8.00 -28.45
N GLU B 475 -17.68 8.25 -28.67
CA GLU B 475 -18.64 8.34 -27.57
C GLU B 475 -18.70 7.05 -26.75
N ILE B 476 -18.62 5.91 -27.42
CA ILE B 476 -18.66 4.62 -26.72
C ILE B 476 -17.42 4.45 -25.82
N CYS B 477 -16.25 4.85 -26.29
CA CYS B 477 -15.06 4.86 -25.43
C CYS B 477 -15.27 5.75 -24.21
N ASP B 478 -15.86 6.93 -24.43
CA ASP B 478 -16.15 7.89 -23.37
C ASP B 478 -17.04 7.27 -22.29
N ILE B 479 -18.07 6.56 -22.74
CA ILE B 479 -18.99 5.90 -21.83
C ILE B 479 -18.28 4.86 -20.95
N ILE B 480 -17.40 4.07 -21.57
CA ILE B 480 -16.58 3.11 -20.82
C ILE B 480 -15.69 3.83 -19.80
N ASP B 481 -15.13 4.96 -20.19
CA ASP B 481 -14.26 5.71 -19.28
C ASP B 481 -15.03 6.34 -18.11
N ASN B 482 -16.25 6.81 -18.38
CA ASN B 482 -17.10 7.43 -17.35
C ASN B 482 -17.42 6.48 -16.20
N THR B 483 -18.08 5.38 -16.56
CA THR B 483 -18.55 4.41 -15.59
C THR B 483 -17.41 3.74 -14.81
N TYR B 486 -15.26 -0.45 -13.12
CA TYR B 486 -13.82 -0.75 -12.99
C TYR B 486 -13.49 -2.17 -13.44
N ALA B 487 -12.52 -2.29 -14.34
CA ALA B 487 -12.18 -3.58 -14.94
C ALA B 487 -10.71 -3.92 -14.73
N LEU B 488 -10.41 -5.22 -14.65
CA LEU B 488 -9.03 -5.66 -14.59
C LEU B 488 -8.42 -5.61 -16.00
N THR B 489 -9.21 -5.99 -16.99
CA THR B 489 -8.69 -6.11 -18.35
C THR B 489 -9.69 -5.58 -19.39
N GLY B 490 -9.16 -5.20 -20.54
CA GLY B 490 -10.00 -4.74 -21.63
C GLY B 490 -9.24 -4.90 -22.94
N ALA B 491 -9.98 -4.95 -24.04
CA ALA B 491 -9.35 -5.13 -25.34
C ALA B 491 -10.06 -4.32 -26.42
N ILE B 492 -9.29 -3.81 -27.38
CA ILE B 492 -9.88 -3.26 -28.58
C ILE B 492 -9.51 -4.11 -29.81
N PHE B 493 -10.50 -4.35 -30.67
CA PHE B 493 -10.24 -5.02 -31.94
C PHE B 493 -10.43 -3.98 -33.04
N ALA B 494 -9.39 -3.78 -33.85
CA ALA B 494 -9.36 -2.69 -34.82
C ALA B 494 -8.12 -2.80 -35.69
N LYS B 495 -8.19 -2.24 -36.91
CA LYS B 495 -7.00 -2.09 -37.73
C LYS B 495 -6.54 -0.64 -37.79
N ASP B 496 -7.49 0.30 -37.75
CA ASP B 496 -7.20 1.72 -37.86
C ASP B 496 -6.40 2.27 -36.67
N ARG B 497 -5.18 2.74 -36.92
CA ARG B 497 -4.29 3.14 -35.80
C ARG B 497 -4.79 4.36 -35.03
N LYS B 498 -5.48 5.27 -35.70
CA LYS B 498 -5.97 6.47 -35.02
C LYS B 498 -7.04 6.10 -34.00
N ALA B 499 -7.88 5.13 -34.36
CA ALA B 499 -8.91 4.64 -33.45
C ALA B 499 -8.28 3.87 -32.28
N ILE B 500 -7.31 3.02 -32.58
CA ILE B 500 -6.58 2.29 -31.56
C ILE B 500 -5.88 3.24 -30.60
N GLU B 501 -5.23 4.27 -31.15
CA GLU B 501 -4.54 5.25 -30.30
C GLU B 501 -5.53 5.99 -29.41
N TYR B 502 -6.67 6.37 -29.99
CA TYR B 502 -7.70 7.08 -29.25
C TYR B 502 -8.23 6.24 -28.08
N ALA B 503 -8.56 4.98 -28.34
CA ALA B 503 -9.08 4.11 -27.32
C ALA B 503 -8.02 3.77 -26.27
N ASP B 504 -6.80 3.53 -26.73
CA ASP B 504 -5.68 3.18 -25.86
C ASP B 504 -5.49 4.28 -24.81
N GLU B 505 -5.57 5.54 -25.26
CA GLU B 505 -5.44 6.70 -24.39
C GLU B 505 -6.70 6.93 -23.54
N LYS B 506 -7.85 6.98 -24.19
CA LYS B 506 -9.13 7.26 -23.52
C LYS B 506 -9.46 6.25 -22.41
N LEU B 507 -9.11 4.99 -22.65
CA LEU B 507 -9.41 3.92 -21.69
C LEU B 507 -8.27 3.62 -20.73
N LYS B 508 -7.31 4.54 -20.59
CA LYS B 508 -6.15 4.28 -19.74
C LYS B 508 -6.51 4.07 -18.27
N PHE B 509 -7.64 4.63 -17.83
CA PHE B 509 -8.07 4.42 -16.44
C PHE B 509 -9.11 3.31 -16.30
N SER B 510 -9.45 2.67 -17.41
CA SER B 510 -10.57 1.74 -17.42
C SER B 510 -10.16 0.27 -17.32
N ALA B 511 -8.85 0.03 -17.32
CA ALA B 511 -8.31 -1.32 -17.22
C ALA B 511 -6.82 -1.25 -16.92
N GLY B 512 -6.35 -2.18 -16.11
CA GLY B 512 -4.94 -2.22 -15.75
C GLY B 512 -4.13 -2.88 -16.85
N ASN B 513 -4.77 -3.75 -17.59
CA ASN B 513 -4.13 -4.42 -18.72
C ASN B 513 -4.99 -4.25 -19.96
N PHE B 514 -4.43 -3.62 -20.98
CA PHE B 514 -5.19 -3.30 -22.18
C PHE B 514 -4.61 -4.10 -23.34
N TYR B 515 -5.47 -4.68 -24.15
CA TYR B 515 -5.03 -5.57 -25.22
C TYR B 515 -5.49 -5.03 -26.56
N ILE B 516 -4.59 -5.08 -27.55
CA ILE B 516 -4.96 -4.69 -28.90
C ILE B 516 -4.99 -5.94 -29.77
N ASN B 517 -6.17 -6.25 -30.31
CA ASN B 517 -6.37 -7.42 -31.16
C ASN B 517 -6.00 -8.73 -30.49
N ASP B 518 -6.34 -8.84 -29.21
CA ASP B 518 -6.10 -10.06 -28.45
C ASP B 518 -7.17 -10.14 -27.38
N LYS B 519 -7.58 -11.35 -27.01
CA LYS B 519 -8.54 -11.52 -25.93
C LYS B 519 -8.04 -10.87 -24.64
N CYS B 520 -8.96 -10.41 -23.80
CA CYS B 520 -8.58 -9.69 -22.60
C CYS B 520 -8.11 -10.61 -21.47
N THR B 521 -8.15 -11.91 -21.71
CA THR B 521 -7.56 -12.89 -20.79
C THR B 521 -6.07 -13.11 -21.09
N GLY B 522 -5.57 -12.46 -22.14
CA GLY B 522 -4.15 -12.52 -22.48
C GLY B 522 -3.84 -13.34 -23.71
N ASN B 546 7.22 -7.86 -8.32
CA ASN B 546 6.78 -6.61 -7.69
C ASN B 546 5.85 -6.83 -6.50
N ILE B 547 5.07 -7.91 -6.53
CA ILE B 547 4.23 -8.23 -5.39
C ILE B 547 5.08 -8.68 -4.18
N LEU B 548 6.30 -9.13 -4.43
CA LEU B 548 7.18 -9.59 -3.35
C LEU B 548 7.49 -8.45 -2.39
N SER B 549 7.60 -7.24 -2.94
CA SER B 549 7.95 -6.09 -2.15
C SER B 549 6.85 -5.70 -1.17
N ARG B 550 5.63 -6.18 -1.41
CA ARG B 550 4.52 -5.91 -0.50
C ARG B 550 4.64 -6.75 0.77
N PHE B 551 5.49 -7.78 0.75
CA PHE B 551 5.62 -8.63 1.93
C PHE B 551 6.93 -8.43 2.69
N VAL B 552 7.61 -7.34 2.38
CA VAL B 552 8.80 -6.96 3.14
C VAL B 552 8.75 -5.48 3.50
N SER B 553 9.61 -5.06 4.42
CA SER B 553 9.84 -3.65 4.66
C SER B 553 11.34 -3.40 4.75
N ILE B 554 11.78 -2.26 4.24
CA ILE B 554 13.22 -2.01 4.17
C ILE B 554 13.69 -1.51 5.54
N ARG B 555 14.87 -1.95 5.93
CA ARG B 555 15.46 -1.39 7.14
C ARG B 555 16.88 -0.94 6.78
N ASN B 556 17.18 0.34 7.04
CA ASN B 556 18.51 0.85 6.75
C ASN B 556 19.32 0.95 8.01
N THR B 557 20.57 0.52 7.91
CA THR B 557 21.51 0.71 9.00
C THR B 557 22.60 1.64 8.50
N LYS B 558 22.92 2.65 9.29
CA LYS B 558 23.97 3.60 8.94
C LYS B 558 24.96 3.76 10.10
N GLU B 559 26.23 3.50 9.82
CA GLU B 559 27.26 3.64 10.84
C GLU B 559 28.12 4.86 10.60
N ASN B 560 28.34 5.65 11.65
CA ASN B 560 29.23 6.79 11.59
C ASN B 560 30.55 6.54 12.32
N PHE B 561 31.65 6.99 11.75
CA PHE B 561 32.96 6.76 12.33
C PHE B 561 33.57 7.98 13.02
N TYR B 562 33.03 9.17 12.74
CA TYR B 562 33.56 10.40 13.32
C TYR B 562 33.09 10.61 14.77
N GLU B 563 34.00 11.01 15.64
CA GLU B 563 33.66 11.23 17.05
C GLU B 563 33.65 12.70 17.38
N LEU B 564 32.48 13.21 17.76
CA LEU B 564 32.32 14.61 18.19
C LEU B 564 33.14 14.92 19.45
#